data_9IM8
#
_entry.id   9IM8
#
_cell.length_a   41.340
_cell.length_b   86.239
_cell.length_c   95.221
_cell.angle_alpha   90.000
_cell.angle_beta   90.255
_cell.angle_gamma   90.000
#
_symmetry.space_group_name_H-M   'P 1 21 1'
#
loop_
_entity.id
_entity.type
_entity.pdbx_description
1 polymer 'Poly [ADP-ribose] polymerase 2'
2 non-polymer GLYCEROL
3 non-polymer 5-ethyl-1-[[3-[(3~{R})-4-ethyl-3-(2-hydroxyethyl)piperazin-1-yl]carbonyl-4-fluoranyl-phenyl]methyl]pyrimidine-2,4-dione
4 water water
#
_entity_poly.entity_id   1
_entity_poly.type   'polypeptide(L)'
_entity_poly.pdbx_seq_one_letter_code
;GPESQLDLRVQELIKLICNVQAMEEMMMEMKYNTKKAPLGKLTVAQIKAGYQSLKKIEDCIRAGQHGRALMEACNEFYTR
IPHDFGLRTPPLIRTQKELSEKIQLLEALGDIEIAIKLVKSERQGLEHPLDQHYRNLHCALRPLDHESYEFKVISQYLQS
THAPTHSDYTMTLLDLFEVEKDGEKEAFREDLHNRMLLWHGSRMSNWVGILSHGLRIAPPEAPITGYMFGKGIYFADMSS
KSANYCFASRLKNTGLLLLSEVALGQCNELLEANPKAEGLLQGKHSTKGLGKMAPSSAHFVTLNGSTVPLGPASDTGILN
PDGYTLNYNEYIVYNPNQVRMRYLLKVQFNFLQ
;
_entity_poly.pdbx_strand_id   A,B
#
loop_
_chem_comp.id
_chem_comp.type
_chem_comp.name
_chem_comp.formula
A1D9M non-polymer 5-ethyl-1-[[3-[(3~{R})-4-ethyl-3-(2-hydroxyethyl)piperazin-1-yl]carbonyl-4-fluoranyl-phenyl]methyl]pyrimidine-2,4-dione 'C22 H29 F N4 O4'
GOL non-polymer GLYCEROL 'C3 H8 O3'
#
# COMPACT_ATOMS: atom_id res chain seq x y z
N GLU A 3 3.92 -41.74 -11.88
CA GLU A 3 4.72 -41.65 -10.66
C GLU A 3 5.48 -40.33 -10.60
N SER A 4 4.77 -39.20 -10.51
CA SER A 4 5.42 -37.89 -10.60
C SER A 4 6.41 -37.70 -9.45
N GLN A 5 7.60 -37.24 -9.79
CA GLN A 5 8.66 -36.96 -8.83
C GLN A 5 8.79 -35.48 -8.50
N LEU A 6 7.83 -34.67 -8.91
CA LEU A 6 7.86 -33.23 -8.72
C LEU A 6 7.14 -32.84 -7.45
N ASP A 7 7.63 -31.79 -6.79
CA ASP A 7 6.89 -31.18 -5.70
C ASP A 7 5.50 -30.79 -6.18
N LEU A 8 4.49 -31.03 -5.33
CA LEU A 8 3.11 -30.86 -5.76
C LEU A 8 2.83 -29.45 -6.27
N ARG A 9 3.47 -28.45 -5.66
CA ARG A 9 3.28 -27.07 -6.10
C ARG A 9 3.75 -26.89 -7.54
N VAL A 10 4.87 -27.52 -7.89
CA VAL A 10 5.36 -27.44 -9.27
C VAL A 10 4.43 -28.22 -10.20
N GLN A 11 3.90 -29.36 -9.72
CA GLN A 11 2.90 -30.09 -10.49
C GLN A 11 1.70 -29.21 -10.81
N GLU A 12 1.21 -28.47 -9.83
CA GLU A 12 0.11 -27.54 -10.06
C GLU A 12 0.48 -26.50 -11.11
N LEU A 13 1.69 -25.95 -11.00
CA LEU A 13 2.13 -24.93 -11.95
C LEU A 13 2.16 -25.48 -13.37
N ILE A 14 2.75 -26.65 -13.56
CA ILE A 14 2.82 -27.25 -14.89
C ILE A 14 1.42 -27.50 -15.44
N LYS A 15 0.53 -28.04 -14.60
CA LYS A 15 -0.84 -28.30 -15.04
C LYS A 15 -1.52 -27.00 -15.47
N LEU A 16 -1.20 -25.90 -14.79
CA LEU A 16 -1.80 -24.61 -15.12
C LEU A 16 -1.33 -24.13 -16.48
N ILE A 17 -0.02 -24.03 -16.68
CA ILE A 17 0.51 -23.37 -17.88
C ILE A 17 0.48 -24.27 -19.10
N CYS A 18 0.41 -25.59 -18.95
CA CYS A 18 0.35 -26.50 -20.09
C CYS A 18 -1.07 -26.89 -20.46
N ASN A 19 -2.07 -26.13 -20.01
CA ASN A 19 -3.46 -26.44 -20.32
C ASN A 19 -3.76 -25.93 -21.73
N VAL A 20 -3.58 -26.83 -22.71
CA VAL A 20 -3.80 -26.48 -24.11
C VAL A 20 -5.25 -26.08 -24.35
N GLN A 21 -6.18 -26.68 -23.62
CA GLN A 21 -7.59 -26.34 -23.80
C GLN A 21 -7.90 -24.94 -23.27
N ALA A 22 -7.23 -24.51 -22.21
CA ALA A 22 -7.39 -23.13 -21.75
C ALA A 22 -6.86 -22.14 -22.79
N MET A 23 -5.75 -22.49 -23.45
CA MET A 23 -5.26 -21.66 -24.55
C MET A 23 -6.29 -21.58 -25.67
N GLU A 24 -6.90 -22.72 -26.02
CA GLU A 24 -7.94 -22.75 -27.03
C GLU A 24 -9.06 -21.78 -26.69
N GLU A 25 -9.48 -21.76 -25.42
CA GLU A 25 -10.51 -20.84 -24.97
C GLU A 25 -10.07 -19.39 -25.14
N MET A 26 -8.84 -19.07 -24.74
CA MET A 26 -8.37 -17.70 -24.83
C MET A 26 -8.27 -17.24 -26.27
N MET A 27 -7.82 -18.12 -27.18
CA MET A 27 -7.73 -17.74 -28.58
C MET A 27 -9.11 -17.54 -29.19
N MET A 28 -10.12 -18.28 -28.71
CA MET A 28 -11.48 -18.05 -29.19
C MET A 28 -12.02 -16.72 -28.72
N GLU A 29 -11.64 -16.28 -27.51
CA GLU A 29 -12.04 -14.95 -27.06
C GLU A 29 -11.33 -13.84 -27.83
N MET A 30 -10.21 -14.15 -28.48
CA MET A 30 -9.58 -13.23 -29.43
C MET A 30 -10.07 -13.44 -30.85
N LYS A 31 -11.00 -14.37 -31.05
CA LYS A 31 -11.75 -14.67 -32.28
C LYS A 31 -10.92 -15.44 -33.28
N TYR A 32 -9.78 -16.00 -32.88
CA TYR A 32 -9.05 -16.92 -33.73
C TYR A 32 -9.84 -18.21 -33.91
N ASN A 33 -9.87 -18.72 -35.13
CA ASN A 33 -10.68 -19.90 -35.44
C ASN A 33 -9.89 -21.15 -35.06
N THR A 34 -10.20 -21.68 -33.88
CA THR A 34 -9.49 -22.85 -33.37
C THR A 34 -9.90 -24.13 -34.11
N LYS A 35 -10.94 -24.08 -34.93
CA LYS A 35 -11.33 -25.22 -35.72
C LYS A 35 -10.65 -25.24 -37.09
N LYS A 36 -10.73 -24.13 -37.83
CA LYS A 36 -10.16 -24.10 -39.17
C LYS A 36 -8.65 -24.21 -39.15
N ALA A 37 -8.00 -23.69 -38.12
CA ALA A 37 -6.55 -23.76 -37.98
C ALA A 37 -6.23 -24.20 -36.56
N PRO A 38 -6.31 -25.50 -36.28
CA PRO A 38 -6.09 -25.99 -34.91
C PRO A 38 -4.75 -25.57 -34.35
N LEU A 39 -4.72 -25.36 -33.03
CA LEU A 39 -3.47 -25.00 -32.37
C LEU A 39 -2.43 -26.10 -32.54
N GLY A 40 -2.89 -27.36 -32.54
CA GLY A 40 -2.00 -28.46 -32.89
C GLY A 40 -1.50 -28.41 -34.32
N LYS A 41 -2.21 -27.69 -35.19
CA LYS A 41 -1.76 -27.42 -36.55
C LYS A 41 -1.28 -25.97 -36.66
N LEU A 42 -0.29 -25.60 -35.87
CA LEU A 42 0.28 -24.26 -35.91
C LEU A 42 1.76 -24.36 -36.23
N THR A 43 2.22 -23.54 -37.16
CA THR A 43 3.61 -23.56 -37.59
C THR A 43 4.18 -22.15 -37.54
N VAL A 44 5.50 -22.08 -37.47
CA VAL A 44 6.19 -20.79 -37.49
C VAL A 44 5.89 -20.06 -38.79
N ALA A 45 5.73 -20.80 -39.89
CA ALA A 45 5.50 -20.17 -41.19
C ALA A 45 4.13 -19.51 -41.25
N GLN A 46 3.10 -20.17 -40.71
CA GLN A 46 1.78 -19.55 -40.62
C GLN A 46 1.84 -18.22 -39.87
N ILE A 47 2.57 -18.20 -38.76
CA ILE A 47 2.63 -17.00 -37.92
C ILE A 47 3.46 -15.93 -38.59
N LYS A 48 4.55 -16.33 -39.27
CA LYS A 48 5.38 -15.35 -39.98
C LYS A 48 4.58 -14.67 -41.08
N ALA A 49 3.82 -15.45 -41.86
CA ALA A 49 2.97 -14.87 -42.89
C ALA A 49 1.96 -13.89 -42.31
N GLY A 50 1.49 -14.15 -41.08
CA GLY A 50 0.57 -13.22 -40.44
C GLY A 50 1.23 -11.89 -40.12
N TYR A 51 2.44 -11.91 -39.60
CA TYR A 51 3.17 -10.67 -39.35
C TYR A 51 3.37 -9.89 -40.64
N GLN A 52 3.74 -10.57 -41.72
CA GLN A 52 3.95 -9.89 -42.99
C GLN A 52 2.67 -9.23 -43.49
N SER A 53 1.52 -9.86 -43.22
CA SER A 53 0.24 -9.22 -43.55
C SER A 53 -0.02 -8.00 -42.68
N LEU A 54 0.39 -8.05 -41.41
CA LEU A 54 0.20 -6.90 -40.53
C LEU A 54 1.10 -5.74 -40.94
N LYS A 55 2.28 -6.03 -41.48
CA LYS A 55 3.15 -4.95 -41.95
C LYS A 55 2.56 -4.27 -43.18
N LYS A 56 1.98 -5.04 -44.10
CA LYS A 56 1.27 -4.45 -45.23
C LYS A 56 0.14 -3.56 -44.75
N ILE A 57 -0.57 -3.98 -43.70
CA ILE A 57 -1.61 -3.15 -43.12
C ILE A 57 -1.01 -1.87 -42.57
N GLU A 58 0.13 -1.97 -41.89
CA GLU A 58 0.81 -0.79 -41.36
C GLU A 58 1.17 0.18 -42.48
N ASP A 59 1.63 -0.34 -43.63
CA ASP A 59 1.96 0.52 -44.76
C ASP A 59 0.75 1.30 -45.24
N CYS A 60 -0.41 0.65 -45.32
CA CYS A 60 -1.62 1.34 -45.71
C CYS A 60 -1.99 2.43 -44.71
N ILE A 61 -1.82 2.15 -43.41
CA ILE A 61 -2.22 3.11 -42.39
C ILE A 61 -1.32 4.35 -42.43
N ARG A 62 -0.02 4.15 -42.61
CA ARG A 62 0.90 5.29 -42.66
C ARG A 62 0.75 6.09 -43.94
N ALA A 63 0.22 5.50 -45.00
CA ALA A 63 -0.06 6.20 -46.24
C ALA A 63 -1.43 6.87 -46.25
N GLY A 64 -2.20 6.74 -45.18
CA GLY A 64 -3.54 7.29 -45.14
C GLY A 64 -4.50 6.63 -46.10
N GLN A 65 -4.27 5.35 -46.42
CA GLN A 65 -5.08 4.62 -47.40
C GLN A 65 -6.06 3.74 -46.64
N HIS A 66 -7.25 4.28 -46.39
CA HIS A 66 -8.29 3.56 -45.66
C HIS A 66 -9.34 2.96 -46.58
N GLY A 67 -9.06 2.92 -47.89
CA GLY A 67 -9.98 2.36 -48.84
C GLY A 67 -9.62 0.95 -49.29
N ARG A 68 -9.63 0.73 -50.61
CA ARG A 68 -9.45 -0.61 -51.16
C ARG A 68 -8.20 -1.30 -50.64
N ALA A 69 -7.06 -0.62 -50.72
CA ALA A 69 -5.78 -1.23 -50.35
C ALA A 69 -5.80 -1.77 -48.92
N LEU A 70 -6.41 -1.03 -48.00
CA LEU A 70 -6.50 -1.51 -46.62
C LEU A 70 -7.48 -2.67 -46.51
N MET A 71 -8.61 -2.61 -47.23
CA MET A 71 -9.59 -3.70 -47.17
C MET A 71 -8.97 -5.02 -47.60
N GLU A 72 -8.17 -5.02 -48.67
CA GLU A 72 -7.59 -6.26 -49.15
C GLU A 72 -6.39 -6.69 -48.32
N ALA A 73 -5.61 -5.75 -47.80
CA ALA A 73 -4.54 -6.11 -46.87
C ALA A 73 -5.11 -6.76 -45.62
N CYS A 74 -6.25 -6.25 -45.14
CA CYS A 74 -6.90 -6.88 -43.99
C CYS A 74 -7.48 -8.24 -44.36
N ASN A 75 -8.10 -8.35 -45.54
CA ASN A 75 -8.63 -9.63 -45.98
C ASN A 75 -7.54 -10.67 -46.09
N GLU A 76 -6.34 -10.27 -46.47
CA GLU A 76 -5.22 -11.20 -46.57
C GLU A 76 -4.76 -11.66 -45.19
N PHE A 77 -4.73 -10.73 -44.22
CA PHE A 77 -4.41 -11.13 -42.84
C PHE A 77 -5.42 -12.13 -42.31
N TYR A 78 -6.72 -11.86 -42.53
CA TYR A 78 -7.76 -12.74 -42.00
C TYR A 78 -7.75 -14.10 -42.70
N THR A 79 -7.26 -14.17 -43.93
CA THR A 79 -7.17 -15.45 -44.62
C THR A 79 -6.01 -16.27 -44.06
N ARG A 80 -4.86 -15.64 -43.85
CA ARG A 80 -3.70 -16.37 -43.32
C ARG A 80 -3.88 -16.72 -41.85
N ILE A 81 -4.56 -15.87 -41.09
CA ILE A 81 -4.82 -16.11 -39.68
C ILE A 81 -6.33 -16.18 -39.49
N PRO A 82 -6.94 -17.36 -39.65
CA PRO A 82 -8.40 -17.44 -39.74
C PRO A 82 -9.08 -16.97 -38.46
N HIS A 83 -10.01 -16.04 -38.61
CA HIS A 83 -10.89 -15.60 -37.55
C HIS A 83 -12.26 -16.22 -37.73
N ASP A 84 -13.01 -16.30 -36.63
CA ASP A 84 -14.41 -16.71 -36.63
C ASP A 84 -15.20 -15.53 -36.05
N PHE A 85 -15.68 -14.65 -36.92
CA PHE A 85 -16.53 -13.54 -36.53
C PHE A 85 -18.02 -13.87 -36.65
N GLY A 86 -18.33 -15.17 -36.79
CA GLY A 86 -19.72 -15.61 -36.97
C GLY A 86 -20.38 -14.97 -38.18
N LEU A 87 -21.44 -14.20 -37.95
CA LEU A 87 -22.20 -13.56 -39.04
C LEU A 87 -21.59 -12.23 -39.45
N ARG A 88 -20.88 -11.56 -38.55
CA ARG A 88 -20.39 -10.18 -38.86
C ARG A 88 -19.23 -10.17 -39.88
N THR A 89 -19.02 -9.02 -40.51
CA THR A 89 -17.95 -8.88 -41.52
C THR A 89 -16.65 -8.52 -40.84
N PRO A 90 -15.52 -9.14 -41.21
CA PRO A 90 -14.28 -8.87 -40.51
C PRO A 90 -13.98 -7.38 -40.54
N PRO A 91 -13.62 -6.75 -39.41
CA PRO A 91 -13.44 -5.30 -39.37
C PRO A 91 -12.07 -4.87 -39.89
N LEU A 92 -12.03 -3.61 -40.35
CA LEU A 92 -10.79 -3.02 -40.81
C LEU A 92 -9.88 -2.69 -39.63
N ILE A 93 -8.58 -2.75 -39.87
CA ILE A 93 -7.57 -2.40 -38.87
C ILE A 93 -6.90 -1.12 -39.34
N ARG A 94 -7.15 -0.02 -38.62
CA ARG A 94 -6.51 1.23 -38.98
C ARG A 94 -5.97 2.05 -37.81
N THR A 95 -6.35 1.75 -36.56
CA THR A 95 -5.75 2.43 -35.43
C THR A 95 -4.54 1.66 -34.93
N GLN A 96 -3.68 2.36 -34.19
CA GLN A 96 -2.54 1.71 -33.57
C GLN A 96 -2.98 0.63 -32.60
N LYS A 97 -4.06 0.89 -31.85
CA LYS A 97 -4.55 -0.10 -30.91
C LYS A 97 -5.15 -1.30 -31.64
N GLU A 98 -5.86 -1.06 -32.75
CA GLU A 98 -6.38 -2.15 -33.55
C GLU A 98 -5.25 -3.01 -34.12
N LEU A 99 -4.17 -2.35 -34.58
CA LEU A 99 -3.00 -3.09 -35.03
C LEU A 99 -2.36 -3.85 -33.87
N SER A 100 -2.26 -3.20 -32.70
CA SER A 100 -1.65 -3.83 -31.54
C SER A 100 -2.41 -5.09 -31.12
N GLU A 101 -3.75 -5.03 -31.19
CA GLU A 101 -4.55 -6.19 -30.80
C GLU A 101 -4.23 -7.41 -31.66
N LYS A 102 -3.94 -7.18 -32.94
CA LYS A 102 -3.62 -8.29 -33.84
C LYS A 102 -2.20 -8.80 -33.58
N ILE A 103 -1.27 -7.91 -33.23
CA ILE A 103 0.07 -8.35 -32.89
C ILE A 103 0.04 -9.22 -31.63
N GLN A 104 -0.73 -8.79 -30.62
CA GLN A 104 -0.89 -9.59 -29.41
C GLN A 104 -1.45 -10.97 -29.72
N LEU A 105 -2.41 -11.05 -30.65
CA LEU A 105 -2.94 -12.34 -31.05
C LEU A 105 -1.85 -13.21 -31.67
N LEU A 106 -1.06 -12.63 -32.58
CA LEU A 106 0.04 -13.38 -33.16
C LEU A 106 1.09 -13.76 -32.13
N GLU A 107 1.29 -12.92 -31.11
CA GLU A 107 2.25 -13.25 -30.05
C GLU A 107 1.80 -14.47 -29.26
N ALA A 108 0.50 -14.54 -28.94
CA ALA A 108 -0.01 -15.69 -28.21
C ALA A 108 0.08 -16.96 -29.05
N LEU A 109 -0.21 -16.85 -30.35
CA LEU A 109 -0.06 -18.01 -31.23
C LEU A 109 1.37 -18.53 -31.23
N GLY A 110 2.34 -17.63 -31.26
CA GLY A 110 3.73 -18.06 -31.27
C GLY A 110 4.13 -18.81 -30.01
N ASP A 111 3.67 -18.33 -28.86
CA ASP A 111 3.98 -19.01 -27.61
C ASP A 111 3.15 -20.27 -27.42
N ILE A 112 1.95 -20.32 -28.01
CA ILE A 112 1.17 -21.56 -27.97
C ILE A 112 1.81 -22.61 -28.86
N GLU A 113 2.33 -22.20 -30.03
CA GLU A 113 3.04 -23.12 -30.91
C GLU A 113 4.17 -23.82 -30.16
N ILE A 114 4.89 -23.07 -29.33
CA ILE A 114 5.96 -23.66 -28.54
C ILE A 114 5.38 -24.62 -27.50
N ALA A 115 4.28 -24.24 -26.87
CA ALA A 115 3.65 -25.12 -25.87
C ALA A 115 3.14 -26.41 -26.51
N ILE A 116 2.61 -26.32 -27.74
CA ILE A 116 2.07 -27.51 -28.40
C ILE A 116 3.19 -28.50 -28.70
N LYS A 117 4.28 -28.03 -29.30
CA LYS A 117 5.43 -28.90 -29.55
C LYS A 117 5.91 -29.57 -28.27
N LEU A 118 5.89 -28.81 -27.17
CA LEU A 118 6.38 -29.34 -25.89
C LEU A 118 5.45 -30.42 -25.35
N VAL A 119 4.14 -30.16 -25.31
CA VAL A 119 3.24 -31.12 -24.70
C VAL A 119 3.03 -32.33 -25.60
N LYS A 120 3.05 -32.14 -26.92
CA LYS A 120 2.96 -33.26 -27.85
C LYS A 120 4.30 -33.93 -28.10
N SER A 121 5.37 -33.48 -27.44
CA SER A 121 6.68 -34.06 -27.66
C SER A 121 6.72 -35.50 -27.17
N GLU A 122 7.78 -36.21 -27.58
CA GLU A 122 7.90 -37.64 -27.40
C GLU A 122 7.61 -38.06 -25.96
N ARG A 123 6.63 -38.96 -25.81
CA ARG A 123 6.23 -39.42 -24.49
C ARG A 123 7.31 -40.34 -23.92
N GLN A 124 6.99 -41.02 -22.83
CA GLN A 124 7.95 -41.93 -22.22
C GLN A 124 7.26 -43.19 -21.74
N GLY A 125 6.35 -43.06 -20.79
CA GLY A 125 5.84 -44.19 -20.05
C GLY A 125 6.67 -44.55 -18.84
N LEU A 126 7.91 -44.07 -18.77
CA LEU A 126 8.74 -44.18 -17.58
C LEU A 126 8.60 -42.95 -16.69
N GLU A 127 8.29 -41.80 -17.27
CA GLU A 127 8.17 -40.55 -16.56
C GLU A 127 6.70 -40.12 -16.51
N HIS A 128 6.30 -39.51 -15.40
CA HIS A 128 4.99 -38.90 -15.36
C HIS A 128 4.91 -37.79 -16.40
N PRO A 129 3.75 -37.58 -17.03
CA PRO A 129 3.67 -36.53 -18.07
C PRO A 129 4.10 -35.16 -17.59
N LEU A 130 3.68 -34.74 -16.40
CA LEU A 130 4.09 -33.44 -15.87
C LEU A 130 5.61 -33.37 -15.73
N ASP A 131 6.24 -34.50 -15.35
CA ASP A 131 7.69 -34.52 -15.25
C ASP A 131 8.34 -34.36 -16.63
N GLN A 132 7.74 -34.96 -17.67
CA GLN A 132 8.24 -34.76 -19.02
C GLN A 132 8.13 -33.29 -19.43
N HIS A 133 6.94 -32.71 -19.28
CA HIS A 133 6.74 -31.31 -19.63
C HIS A 133 7.71 -30.41 -18.89
N TYR A 134 7.94 -30.70 -17.60
CA TYR A 134 8.88 -29.89 -16.82
C TYR A 134 10.30 -30.05 -17.32
N ARG A 135 10.69 -31.28 -17.68
CA ARG A 135 12.01 -31.50 -18.26
C ARG A 135 12.16 -30.73 -19.57
N ASN A 136 11.13 -30.78 -20.42
CA ASN A 136 11.16 -30.11 -21.71
C ASN A 136 11.14 -28.60 -21.61
N LEU A 137 11.00 -28.04 -20.40
CA LEU A 137 11.10 -26.59 -20.23
C LEU A 137 12.53 -26.10 -20.21
N HIS A 138 13.44 -26.91 -19.70
CA HIS A 138 14.83 -26.53 -19.46
C HIS A 138 14.89 -25.22 -18.67
N CYS A 139 14.19 -25.25 -17.55
CA CYS A 139 14.04 -24.13 -16.63
C CYS A 139 13.69 -24.64 -15.23
N ALA A 140 14.58 -24.46 -14.27
CA ALA A 140 14.31 -24.93 -12.92
C ALA A 140 13.25 -24.05 -12.26
N LEU A 141 12.24 -24.69 -11.67
CA LEU A 141 11.21 -24.02 -10.91
C LEU A 141 11.21 -24.60 -9.50
N ARG A 142 11.59 -23.79 -8.51
CA ARG A 142 11.75 -24.24 -7.14
C ARG A 142 10.80 -23.49 -6.23
N PRO A 143 9.83 -24.17 -5.62
CA PRO A 143 8.89 -23.46 -4.73
C PRO A 143 9.60 -22.97 -3.48
N LEU A 144 9.21 -21.78 -3.03
CA LEU A 144 9.76 -21.17 -1.84
C LEU A 144 8.75 -21.22 -0.71
N ASP A 145 9.23 -21.48 0.50
CA ASP A 145 8.37 -21.55 1.67
C ASP A 145 7.70 -20.19 1.91
N HIS A 146 6.42 -20.23 2.30
CA HIS A 146 5.67 -19.00 2.51
C HIS A 146 6.19 -18.20 3.69
N GLU A 147 6.85 -18.84 4.66
CA GLU A 147 7.47 -18.14 5.78
C GLU A 147 8.88 -17.68 5.46
N SER A 148 9.38 -17.97 4.26
CA SER A 148 10.75 -17.61 3.91
C SER A 148 10.93 -16.10 3.84
N TYR A 149 12.19 -15.67 3.89
CA TYR A 149 12.52 -14.26 3.73
C TYR A 149 12.18 -13.78 2.32
N GLU A 150 12.51 -14.59 1.32
CA GLU A 150 12.25 -14.23 -0.07
C GLU A 150 10.77 -13.95 -0.29
N PHE A 151 9.91 -14.81 0.25
CA PHE A 151 8.47 -14.60 0.12
C PHE A 151 8.05 -13.27 0.73
N LYS A 152 8.63 -12.92 1.88
CA LYS A 152 8.26 -11.68 2.55
C LYS A 152 8.62 -10.45 1.71
N VAL A 153 9.79 -10.46 1.07
CA VAL A 153 10.21 -9.28 0.30
C VAL A 153 9.46 -9.19 -1.02
N ILE A 154 9.18 -10.34 -1.64
CA ILE A 154 8.42 -10.33 -2.90
C ILE A 154 6.99 -9.89 -2.65
N SER A 155 6.36 -10.43 -1.61
CA SER A 155 5.02 -9.97 -1.22
C SER A 155 5.01 -8.47 -1.00
N GLN A 156 6.01 -7.95 -0.28
CA GLN A 156 6.11 -6.51 -0.06
C GLN A 156 6.24 -5.76 -1.37
N TYR A 157 7.09 -6.26 -2.28
CA TYR A 157 7.25 -5.63 -3.59
C TYR A 157 5.93 -5.64 -4.36
N LEU A 158 5.25 -6.79 -4.38
CA LEU A 158 3.97 -6.89 -5.06
C LEU A 158 2.95 -5.91 -4.51
N GLN A 159 2.78 -5.90 -3.18
CA GLN A 159 1.74 -5.07 -2.58
C GLN A 159 2.14 -3.60 -2.56
N SER A 160 3.39 -3.28 -2.24
CA SER A 160 3.79 -1.89 -2.07
C SER A 160 3.90 -1.13 -3.38
N THR A 161 4.00 -1.83 -4.52
CA THR A 161 4.05 -1.16 -5.82
C THR A 161 2.79 -1.37 -6.63
N HIS A 162 1.68 -1.73 -5.99
CA HIS A 162 0.39 -1.69 -6.66
C HIS A 162 -0.01 -0.23 -6.84
N ALA A 163 -0.27 0.15 -8.07
CA ALA A 163 -0.49 1.54 -8.43
C ALA A 163 -1.87 2.01 -7.99
N PRO A 164 -2.00 3.29 -7.61
CA PRO A 164 -3.31 3.77 -7.13
C PRO A 164 -4.37 3.79 -8.22
N THR A 165 -4.00 4.08 -9.46
CA THR A 165 -4.96 4.10 -10.55
C THR A 165 -5.42 2.70 -10.97
N HIS A 166 -4.86 1.65 -10.37
CA HIS A 166 -5.32 0.30 -10.63
C HIS A 166 -6.11 -0.20 -9.43
N SER A 167 -7.21 0.48 -9.14
CA SER A 167 -7.98 0.25 -7.92
C SER A 167 -9.10 -0.75 -8.09
N ASP A 168 -9.36 -1.24 -9.29
CA ASP A 168 -10.45 -2.19 -9.48
C ASP A 168 -10.11 -3.59 -8.98
N TYR A 169 -8.85 -3.86 -8.62
CA TYR A 169 -8.48 -5.17 -8.12
C TYR A 169 -7.31 -5.06 -7.17
N THR A 170 -7.24 -6.00 -6.24
CA THR A 170 -6.07 -6.26 -5.43
C THR A 170 -5.48 -7.60 -5.84
N MET A 171 -4.31 -7.92 -5.28
CA MET A 171 -3.59 -9.13 -5.64
C MET A 171 -3.20 -9.91 -4.38
N THR A 172 -3.36 -11.23 -4.45
CA THR A 172 -2.94 -12.13 -3.39
C THR A 172 -1.93 -13.12 -3.95
N LEU A 173 -0.79 -13.24 -3.26
CA LEU A 173 0.27 -14.14 -3.68
C LEU A 173 -0.07 -15.56 -3.23
N LEU A 174 -0.46 -16.41 -4.17
CA LEU A 174 -0.80 -17.79 -3.83
C LEU A 174 0.46 -18.65 -3.68
N ASP A 175 1.45 -18.45 -4.53
CA ASP A 175 2.65 -19.26 -4.47
C ASP A 175 3.80 -18.52 -5.16
N LEU A 176 5.01 -19.03 -4.95
CA LEU A 176 6.23 -18.33 -5.37
C LEU A 176 7.28 -19.36 -5.72
N PHE A 177 7.89 -19.22 -6.90
CA PHE A 177 8.92 -20.13 -7.38
C PHE A 177 10.18 -19.38 -7.75
N GLU A 178 11.32 -19.94 -7.39
CA GLU A 178 12.60 -19.48 -7.94
C GLU A 178 12.74 -20.00 -9.36
N VAL A 179 13.25 -19.14 -10.25
CA VAL A 179 13.39 -19.47 -11.66
C VAL A 179 14.88 -19.50 -11.99
N GLU A 180 15.30 -20.55 -12.70
CA GLU A 180 16.68 -20.67 -13.20
C GLU A 180 16.59 -21.34 -14.57
N LYS A 181 16.52 -20.52 -15.61
CA LYS A 181 16.48 -21.05 -16.97
C LYS A 181 17.88 -21.43 -17.43
N ASP A 182 18.01 -22.62 -18.02
CA ASP A 182 19.28 -23.09 -18.53
C ASP A 182 19.91 -22.07 -19.46
N GLY A 183 21.13 -21.64 -19.13
CA GLY A 183 21.92 -20.81 -20.01
C GLY A 183 21.85 -19.33 -19.73
N GLU A 184 20.82 -18.86 -19.02
CA GLU A 184 20.66 -17.41 -18.85
C GLU A 184 21.78 -16.79 -18.03
N LYS A 185 22.25 -17.50 -16.99
CA LYS A 185 23.37 -16.98 -16.21
C LYS A 185 24.61 -16.77 -17.07
N GLU A 186 24.91 -17.72 -17.95
CA GLU A 186 26.12 -17.62 -18.77
C GLU A 186 25.99 -16.57 -19.87
N ALA A 187 24.76 -16.25 -20.29
CA ALA A 187 24.56 -15.22 -21.30
C ALA A 187 24.52 -13.82 -20.71
N PHE A 188 24.21 -13.70 -19.42
CA PHE A 188 23.82 -12.42 -18.83
C PHE A 188 24.96 -11.40 -18.84
N ARG A 189 24.62 -10.14 -19.11
CA ARG A 189 25.57 -9.04 -19.06
C ARG A 189 25.78 -8.61 -17.61
N GLU A 190 26.63 -9.38 -16.92
CA GLU A 190 26.96 -9.03 -15.54
C GLU A 190 27.73 -7.72 -15.43
N ASP A 191 28.40 -7.30 -16.51
CA ASP A 191 29.24 -6.10 -16.45
C ASP A 191 28.42 -4.83 -16.34
N LEU A 192 27.18 -4.84 -16.82
CA LEU A 192 26.38 -3.62 -16.88
C LEU A 192 25.87 -3.22 -15.50
N HIS A 193 25.82 -1.91 -15.28
CA HIS A 193 25.33 -1.30 -14.06
C HIS A 193 23.81 -1.23 -14.06
N ASN A 194 23.25 -0.64 -13.01
CA ASN A 194 21.80 -0.42 -12.88
C ASN A 194 21.02 -1.71 -13.08
N ARG A 195 21.44 -2.75 -12.36
CA ARG A 195 20.73 -4.03 -12.36
C ARG A 195 19.53 -3.93 -11.42
N MET A 196 18.33 -4.09 -11.97
CA MET A 196 17.10 -3.98 -11.21
C MET A 196 16.26 -5.23 -11.36
N LEU A 197 15.50 -5.55 -10.31
CA LEU A 197 14.54 -6.64 -10.33
C LEU A 197 13.17 -6.06 -10.69
N LEU A 198 12.70 -6.37 -11.90
CA LEU A 198 11.56 -5.67 -12.49
C LEU A 198 10.49 -6.67 -12.90
N TRP A 199 9.27 -6.15 -13.08
CA TRP A 199 8.09 -6.97 -13.36
C TRP A 199 7.91 -7.18 -14.86
N HIS A 200 7.33 -8.33 -15.20
CA HIS A 200 6.81 -8.58 -16.54
C HIS A 200 5.57 -9.46 -16.44
N GLY A 201 4.46 -8.98 -16.97
CA GLY A 201 3.21 -9.72 -16.97
C GLY A 201 2.86 -10.19 -18.37
N SER A 202 2.15 -11.31 -18.46
CA SER A 202 1.82 -11.89 -19.75
C SER A 202 0.56 -12.73 -19.61
N ARG A 203 -0.08 -13.00 -20.75
CA ARG A 203 -1.25 -13.86 -20.76
C ARG A 203 -0.87 -15.29 -20.34
N MET A 204 -1.87 -16.01 -19.83
CA MET A 204 -1.63 -17.37 -19.34
C MET A 204 -1.13 -18.29 -20.44
N SER A 205 -1.46 -18.00 -21.69
CA SER A 205 -1.08 -18.86 -22.81
C SER A 205 0.41 -18.85 -23.10
N ASN A 206 1.17 -17.90 -22.55
CA ASN A 206 2.52 -17.63 -23.02
C ASN A 206 3.62 -18.15 -22.11
N TRP A 207 3.29 -18.69 -20.94
CA TRP A 207 4.32 -18.95 -19.94
C TRP A 207 5.19 -20.15 -20.31
N VAL A 208 4.64 -21.15 -20.98
CA VAL A 208 5.47 -22.27 -21.45
C VAL A 208 6.54 -21.75 -22.39
N GLY A 209 6.17 -20.85 -23.31
CA GLY A 209 7.16 -20.26 -24.20
C GLY A 209 8.14 -19.35 -23.50
N ILE A 210 7.65 -18.55 -22.55
CA ILE A 210 8.51 -17.63 -21.80
C ILE A 210 9.48 -18.42 -20.93
N LEU A 211 8.97 -19.35 -20.13
CA LEU A 211 9.85 -20.19 -19.34
C LEU A 211 10.77 -21.04 -20.23
N SER A 212 10.27 -21.60 -21.33
CA SER A 212 11.19 -22.37 -22.18
C SER A 212 12.15 -21.48 -22.98
N HIS A 213 11.66 -20.50 -23.76
CA HIS A 213 12.55 -19.76 -24.67
C HIS A 213 13.06 -18.46 -24.06
N GLY A 214 12.65 -18.10 -22.85
CA GLY A 214 13.08 -16.85 -22.25
C GLY A 214 12.31 -15.70 -22.87
N LEU A 215 12.41 -14.52 -22.25
CA LEU A 215 11.85 -13.33 -22.87
C LEU A 215 12.65 -13.01 -24.13
N ARG A 216 11.96 -12.57 -25.19
CA ARG A 216 12.62 -12.42 -26.48
C ARG A 216 12.08 -11.19 -27.21
N ILE A 217 12.76 -10.84 -28.30
CA ILE A 217 12.46 -9.66 -29.11
C ILE A 217 11.42 -10.02 -30.15
N ALA A 218 10.60 -9.04 -30.54
CA ALA A 218 9.70 -9.22 -31.66
C ALA A 218 10.52 -9.45 -32.94
N PRO A 219 10.03 -10.28 -33.85
CA PRO A 219 10.82 -10.61 -35.05
C PRO A 219 10.87 -9.44 -36.02
N PRO A 220 11.77 -9.48 -37.00
CA PRO A 220 11.88 -8.34 -37.93
C PRO A 220 10.65 -8.14 -38.80
N GLU A 221 9.91 -9.19 -39.11
CA GLU A 221 8.74 -9.04 -39.98
C GLU A 221 7.56 -8.37 -39.28
N ALA A 222 7.65 -8.16 -37.96
CA ALA A 222 6.58 -7.49 -37.25
C ALA A 222 6.59 -5.99 -37.57
N PRO A 223 5.41 -5.35 -37.60
CA PRO A 223 5.36 -3.91 -37.86
C PRO A 223 5.93 -3.12 -36.67
N ILE A 224 6.77 -2.13 -36.98
CA ILE A 224 7.50 -1.42 -35.93
C ILE A 224 6.56 -0.58 -35.07
N THR A 225 5.48 -0.04 -35.65
CA THR A 225 4.62 0.84 -34.88
C THR A 225 3.78 0.10 -33.84
N GLY A 226 3.80 -1.23 -33.83
CA GLY A 226 3.15 -1.96 -32.77
C GLY A 226 3.88 -1.91 -31.44
N TYR A 227 5.08 -1.33 -31.41
CA TYR A 227 5.94 -1.34 -30.23
C TYR A 227 6.30 0.10 -29.90
N MET A 228 5.74 0.62 -28.79
CA MET A 228 5.80 2.04 -28.52
C MET A 228 7.22 2.54 -28.29
N PHE A 229 8.12 1.67 -27.81
CA PHE A 229 9.52 2.04 -27.61
C PHE A 229 10.46 1.09 -28.35
N GLY A 230 10.00 0.54 -29.46
CA GLY A 230 10.84 -0.32 -30.27
C GLY A 230 10.72 -1.79 -29.89
N LYS A 231 11.43 -2.61 -30.68
CA LYS A 231 11.34 -4.06 -30.54
C LYS A 231 12.28 -4.51 -29.43
N GLY A 232 11.81 -4.34 -28.19
CA GLY A 232 12.57 -4.75 -27.02
C GLY A 232 11.77 -5.61 -26.08
N ILE A 233 12.26 -5.78 -24.85
CA ILE A 233 11.56 -6.49 -23.79
C ILE A 233 11.18 -5.48 -22.72
N TYR A 234 9.90 -5.45 -22.35
CA TYR A 234 9.32 -4.37 -21.57
C TYR A 234 9.10 -4.82 -20.13
N PHE A 235 9.52 -3.97 -19.18
CA PHE A 235 9.36 -4.23 -17.76
C PHE A 235 8.78 -3.00 -17.08
N ALA A 236 8.22 -3.22 -15.89
CA ALA A 236 7.74 -2.15 -15.03
C ALA A 236 8.34 -2.30 -13.64
N ASP A 237 8.36 -1.19 -12.90
CA ASP A 237 8.68 -1.23 -11.48
C ASP A 237 7.45 -1.15 -10.59
N MET A 238 6.26 -1.09 -11.19
CA MET A 238 4.99 -1.11 -10.47
C MET A 238 4.29 -2.42 -10.82
N SER A 239 4.07 -3.26 -9.79
CA SER A 239 3.55 -4.60 -10.01
C SER A 239 2.25 -4.58 -10.81
N SER A 240 1.36 -3.65 -10.51
CA SER A 240 0.04 -3.66 -11.14
C SER A 240 0.09 -3.27 -12.61
N LYS A 241 1.04 -2.41 -13.00
CA LYS A 241 1.17 -2.08 -14.41
C LYS A 241 1.52 -3.31 -15.24
N SER A 242 2.38 -4.18 -14.69
CA SER A 242 2.69 -5.44 -15.38
C SER A 242 1.53 -6.43 -15.24
N ALA A 243 0.92 -6.48 -14.05
CA ALA A 243 -0.18 -7.40 -13.82
C ALA A 243 -1.35 -7.16 -14.77
N ASN A 244 -1.55 -5.91 -15.19
CA ASN A 244 -2.60 -5.61 -16.18
C ASN A 244 -2.36 -6.36 -17.48
N TYR A 245 -1.10 -6.62 -17.82
CA TYR A 245 -0.78 -7.35 -19.05
C TYR A 245 -0.95 -8.86 -18.90
N CYS A 246 -1.44 -9.32 -17.75
CA CYS A 246 -1.88 -10.71 -17.62
C CYS A 246 -3.25 -10.93 -18.23
N PHE A 247 -4.05 -9.87 -18.36
CA PHE A 247 -5.40 -9.94 -18.91
C PHE A 247 -6.23 -10.99 -18.18
N ALA A 248 -6.15 -10.96 -16.86
CA ALA A 248 -7.01 -11.78 -16.03
C ALA A 248 -8.42 -11.17 -15.99
N SER A 249 -9.39 -12.01 -15.66
CA SER A 249 -10.78 -11.59 -15.66
C SER A 249 -11.46 -12.05 -14.37
N ARG A 250 -12.67 -11.54 -14.16
CA ARG A 250 -13.49 -11.97 -13.03
C ARG A 250 -13.60 -13.49 -12.98
N LEU A 251 -13.82 -14.11 -14.13
CA LEU A 251 -13.99 -15.56 -14.19
C LEU A 251 -12.66 -16.29 -14.20
N LYS A 252 -11.60 -15.68 -14.71
CA LYS A 252 -10.27 -16.28 -14.76
C LYS A 252 -9.30 -15.37 -14.02
N ASN A 253 -9.41 -15.36 -12.69
CA ASN A 253 -8.71 -14.40 -11.84
C ASN A 253 -7.45 -15.00 -11.20
N THR A 254 -6.85 -15.99 -11.83
CA THR A 254 -5.55 -16.53 -11.43
C THR A 254 -4.56 -16.31 -12.57
N GLY A 255 -3.42 -15.71 -12.25
CA GLY A 255 -2.42 -15.42 -13.26
C GLY A 255 -1.02 -15.50 -12.69
N LEU A 256 -0.04 -15.31 -13.56
CA LEU A 256 1.36 -15.35 -13.18
C LEU A 256 2.05 -14.02 -13.47
N LEU A 257 2.97 -13.66 -12.57
CA LEU A 257 3.83 -12.49 -12.74
C LEU A 257 5.28 -12.94 -12.68
N LEU A 258 6.14 -12.29 -13.46
CA LEU A 258 7.55 -12.65 -13.55
C LEU A 258 8.40 -11.51 -13.04
N LEU A 259 9.36 -11.84 -12.16
CA LEU A 259 10.41 -10.92 -11.74
C LEU A 259 11.72 -11.35 -12.37
N SER A 260 12.42 -10.40 -12.98
CA SER A 260 13.68 -10.67 -13.67
C SER A 260 14.70 -9.62 -13.28
N GLU A 261 15.94 -10.06 -13.11
CA GLU A 261 17.07 -9.13 -13.02
C GLU A 261 17.33 -8.56 -14.40
N VAL A 262 17.29 -7.23 -14.52
CA VAL A 262 17.41 -6.55 -15.80
C VAL A 262 18.64 -5.68 -15.75
N ALA A 263 19.60 -5.95 -16.63
CA ALA A 263 20.83 -5.17 -16.72
C ALA A 263 20.54 -3.94 -17.57
N LEU A 264 20.10 -2.87 -16.90
CA LEU A 264 19.68 -1.67 -17.60
C LEU A 264 20.84 -0.87 -18.17
N GLY A 265 21.98 -0.87 -17.48
CA GLY A 265 23.07 -0.01 -17.91
C GLY A 265 22.66 1.45 -17.83
N GLN A 266 23.06 2.22 -18.83
CA GLN A 266 22.67 3.62 -18.94
C GLN A 266 21.35 3.71 -19.71
N CYS A 267 20.33 4.29 -19.08
CA CYS A 267 19.03 4.42 -19.71
C CYS A 267 18.98 5.67 -20.57
N ASN A 268 18.44 5.54 -21.78
CA ASN A 268 18.01 6.70 -22.55
C ASN A 268 16.59 7.05 -22.11
N GLU A 269 16.45 8.19 -21.44
CA GLU A 269 15.18 8.59 -20.85
C GLU A 269 14.30 9.27 -21.89
N LEU A 270 13.01 8.91 -21.89
CA LEU A 270 12.06 9.45 -22.86
C LEU A 270 10.74 9.75 -22.18
N LEU A 271 10.09 10.84 -22.61
CA LEU A 271 8.82 11.25 -22.02
C LEU A 271 7.61 10.65 -22.72
N GLU A 272 7.70 10.39 -24.02
CA GLU A 272 6.57 9.86 -24.77
C GLU A 272 7.06 8.80 -25.74
N ALA A 273 6.11 8.05 -26.30
CA ALA A 273 6.44 6.89 -27.11
C ALA A 273 7.19 7.29 -28.37
N ASN A 274 8.07 6.40 -28.81
CA ASN A 274 8.75 6.51 -30.09
C ASN A 274 9.15 5.11 -30.55
N PRO A 275 8.47 4.55 -31.55
CA PRO A 275 8.81 3.20 -32.02
C PRO A 275 10.24 3.06 -32.51
N LYS A 276 10.90 4.16 -32.88
CA LYS A 276 12.28 4.14 -33.35
C LYS A 276 13.27 4.41 -32.23
N ALA A 277 12.90 4.16 -30.98
CA ALA A 277 13.73 4.54 -29.85
C ALA A 277 15.04 3.76 -29.81
N GLU A 278 15.08 2.57 -30.40
CA GLU A 278 16.31 1.76 -30.34
C GLU A 278 17.45 2.44 -31.10
N GLY A 279 17.14 3.06 -32.23
CA GLY A 279 18.15 3.82 -32.96
C GLY A 279 18.63 5.08 -32.27
N LEU A 280 18.01 5.46 -31.16
CA LEU A 280 18.43 6.61 -30.37
C LEU A 280 19.36 6.24 -29.22
N LEU A 281 19.60 4.94 -29.01
CA LEU A 281 20.45 4.50 -27.91
C LEU A 281 21.86 5.07 -28.04
N GLN A 282 22.49 4.85 -29.20
CA GLN A 282 23.84 5.34 -29.54
C GLN A 282 24.79 5.27 -28.34
N GLY A 283 24.96 4.05 -27.84
CA GLY A 283 25.87 3.82 -26.74
C GLY A 283 25.18 3.35 -25.48
N LYS A 284 24.04 3.95 -25.15
CA LYS A 284 23.29 3.56 -23.97
C LYS A 284 22.67 2.18 -24.17
N HIS A 285 22.25 1.57 -23.06
CA HIS A 285 21.89 0.16 -23.04
C HIS A 285 20.41 -0.11 -22.86
N SER A 286 19.61 0.89 -22.54
CA SER A 286 18.18 0.66 -22.32
C SER A 286 17.41 1.95 -22.56
N THR A 287 16.11 1.81 -22.71
CA THR A 287 15.18 2.93 -22.79
C THR A 287 14.30 2.93 -21.55
N LYS A 288 14.15 4.10 -20.94
CA LYS A 288 13.25 4.25 -19.80
C LYS A 288 12.19 5.29 -20.16
N GLY A 289 10.95 4.84 -20.31
CA GLY A 289 9.83 5.74 -20.43
C GLY A 289 9.49 6.30 -19.07
N LEU A 290 9.48 7.62 -18.94
CA LEU A 290 9.39 8.25 -17.64
C LEU A 290 7.92 8.41 -17.21
N GLY A 291 7.60 7.89 -16.04
CA GLY A 291 6.28 8.03 -15.47
C GLY A 291 6.22 9.14 -14.44
N LYS A 292 4.98 9.52 -14.12
CA LYS A 292 4.74 10.56 -13.13
C LYS A 292 4.79 10.03 -11.71
N MET A 293 4.72 8.71 -11.52
CA MET A 293 4.77 8.10 -10.20
C MET A 293 5.72 6.92 -10.27
N ALA A 294 6.61 6.80 -9.29
CA ALA A 294 7.62 5.75 -9.33
C ALA A 294 8.14 5.50 -7.93
N PRO A 295 8.58 4.28 -7.61
CA PRO A 295 9.24 4.04 -6.32
C PRO A 295 10.46 4.94 -6.17
N SER A 296 10.76 5.28 -4.92
CA SER A 296 11.85 6.19 -4.60
C SER A 296 13.02 5.42 -4.00
N SER A 297 14.20 6.02 -4.10
CA SER A 297 15.44 5.37 -3.68
C SER A 297 15.46 5.06 -2.18
N ALA A 298 14.69 5.78 -1.37
CA ALA A 298 14.78 5.63 0.08
C ALA A 298 14.39 4.23 0.54
N HIS A 299 13.54 3.54 -0.23
CA HIS A 299 13.04 2.22 0.16
C HIS A 299 13.69 1.09 -0.60
N PHE A 300 14.58 1.40 -1.55
CA PHE A 300 15.26 0.38 -2.33
C PHE A 300 15.98 -0.61 -1.42
N VAL A 301 15.84 -1.90 -1.71
CA VAL A 301 16.60 -2.94 -1.04
C VAL A 301 17.31 -3.77 -2.11
N THR A 302 18.15 -4.71 -1.69
CA THR A 302 18.99 -5.46 -2.61
C THR A 302 18.79 -6.95 -2.38
N LEU A 303 18.77 -7.72 -3.46
CA LEU A 303 18.44 -9.15 -3.40
C LEU A 303 19.26 -9.87 -4.46
N ASN A 304 20.25 -10.65 -4.02
CA ASN A 304 21.11 -11.44 -4.91
C ASN A 304 21.80 -10.57 -5.96
N GLY A 305 22.07 -9.30 -5.63
CA GLY A 305 22.79 -8.40 -6.50
C GLY A 305 21.92 -7.44 -7.29
N SER A 306 20.61 -7.44 -7.10
CA SER A 306 19.70 -6.60 -7.87
C SER A 306 18.95 -5.66 -6.95
N THR A 307 18.78 -4.41 -7.40
CA THR A 307 17.98 -3.43 -6.67
C THR A 307 16.50 -3.76 -6.82
N VAL A 308 15.84 -4.03 -5.69
CA VAL A 308 14.40 -4.22 -5.67
C VAL A 308 13.76 -2.85 -5.35
N PRO A 309 13.08 -2.23 -6.33
CA PRO A 309 12.50 -0.90 -6.07
C PRO A 309 11.21 -0.95 -5.26
N LEU A 310 11.34 -1.37 -4.00
CA LEU A 310 10.21 -1.45 -3.09
C LEU A 310 9.48 -0.11 -3.02
N GLY A 311 8.16 -0.18 -2.83
CA GLY A 311 7.36 1.01 -2.67
C GLY A 311 7.42 1.55 -1.27
N PRO A 312 6.56 2.54 -0.94
CA PRO A 312 5.51 3.12 -1.79
C PRO A 312 6.06 4.04 -2.88
N ALA A 313 5.24 4.30 -3.89
CA ALA A 313 5.61 5.21 -4.95
C ALA A 313 5.23 6.64 -4.58
N SER A 314 5.97 7.59 -5.15
CA SER A 314 5.71 9.00 -4.94
C SER A 314 5.84 9.73 -6.27
N ASP A 315 5.49 11.02 -6.26
CA ASP A 315 5.57 11.82 -7.46
C ASP A 315 7.02 11.98 -7.91
N THR A 316 7.19 12.14 -9.21
CA THR A 316 8.51 12.36 -9.81
C THR A 316 8.63 13.73 -10.45
N GLY A 317 7.58 14.54 -10.40
CA GLY A 317 7.60 15.87 -10.99
C GLY A 317 7.64 15.82 -12.50
N ILE A 318 7.64 14.61 -13.04
CA ILE A 318 7.71 14.43 -14.48
C ILE A 318 6.38 14.82 -15.10
N LEU A 319 6.42 15.67 -16.13
CA LEU A 319 5.23 16.08 -16.86
C LEU A 319 5.66 16.43 -18.29
N ASN A 320 4.97 15.82 -19.27
CA ASN A 320 5.30 16.05 -20.67
C ASN A 320 4.48 17.21 -21.20
N PRO A 321 5.10 18.35 -21.55
CA PRO A 321 4.32 19.44 -22.15
C PRO A 321 4.04 19.21 -23.62
N ASP A 322 4.88 18.42 -24.29
CA ASP A 322 4.66 18.12 -25.70
C ASP A 322 3.36 17.35 -25.92
N GLY A 323 2.95 16.54 -24.94
CA GLY A 323 1.71 15.80 -25.08
C GLY A 323 1.37 14.93 -23.88
N TYR A 324 1.16 13.63 -24.14
CA TYR A 324 0.70 12.70 -23.11
C TYR A 324 1.86 12.29 -22.21
N THR A 325 1.56 12.12 -20.92
CA THR A 325 2.55 11.76 -19.92
C THR A 325 2.24 10.36 -19.38
N LEU A 326 3.27 9.52 -19.32
CA LEU A 326 3.10 8.18 -18.78
C LEU A 326 2.77 8.26 -17.29
N ASN A 327 1.85 7.40 -16.85
CA ASN A 327 1.53 7.34 -15.43
C ASN A 327 2.65 6.69 -14.62
N TYR A 328 3.31 5.68 -15.20
CA TYR A 328 4.29 4.89 -14.49
C TYR A 328 5.44 4.57 -15.44
N ASN A 329 6.61 4.29 -14.88
CA ASN A 329 7.79 3.98 -15.69
C ASN A 329 7.56 2.70 -16.48
N GLU A 330 8.24 2.60 -17.61
CA GLU A 330 8.51 1.31 -18.23
C GLU A 330 9.96 1.27 -18.70
N TYR A 331 10.54 0.07 -18.65
CA TYR A 331 11.92 -0.16 -19.02
C TYR A 331 11.98 -1.13 -20.19
N ILE A 332 12.84 -0.85 -21.15
CA ILE A 332 12.97 -1.67 -22.35
C ILE A 332 14.43 -1.97 -22.60
N VAL A 333 14.76 -3.26 -22.72
CA VAL A 333 16.06 -3.70 -23.19
C VAL A 333 15.85 -4.41 -24.53
N TYR A 334 16.88 -4.35 -25.37
CA TYR A 334 16.77 -4.82 -26.75
C TYR A 334 17.60 -6.06 -27.02
N ASN A 335 18.08 -6.73 -25.97
CA ASN A 335 18.81 -7.97 -26.08
C ASN A 335 18.43 -8.82 -24.86
N PRO A 336 18.04 -10.08 -25.06
CA PRO A 336 17.73 -10.94 -23.91
C PRO A 336 18.93 -11.24 -23.01
N ASN A 337 20.15 -10.95 -23.44
CA ASN A 337 21.29 -11.17 -22.54
C ASN A 337 21.39 -10.10 -21.46
N GLN A 338 20.46 -9.15 -21.43
CA GLN A 338 20.33 -8.20 -20.34
C GLN A 338 19.22 -8.61 -19.37
N VAL A 339 18.75 -9.84 -19.45
CA VAL A 339 17.63 -10.33 -18.65
C VAL A 339 18.02 -11.66 -18.03
N ARG A 340 17.71 -11.82 -16.74
CA ARG A 340 17.79 -13.11 -16.07
C ARG A 340 16.52 -13.29 -15.24
N MET A 341 15.68 -14.25 -15.64
CA MET A 341 14.45 -14.51 -14.90
C MET A 341 14.77 -15.05 -13.51
N ARG A 342 13.99 -14.61 -12.53
CA ARG A 342 14.34 -14.84 -11.14
C ARG A 342 13.21 -15.49 -10.34
N TYR A 343 12.01 -14.91 -10.41
CA TYR A 343 10.89 -15.38 -9.60
C TYR A 343 9.64 -15.45 -10.45
N LEU A 344 8.80 -16.43 -10.16
CA LEU A 344 7.51 -16.60 -10.81
C LEU A 344 6.43 -16.62 -9.72
N LEU A 345 5.54 -15.64 -9.78
CA LEU A 345 4.49 -15.46 -8.77
C LEU A 345 3.17 -16.00 -9.31
N LYS A 346 2.53 -16.87 -8.53
CA LYS A 346 1.15 -17.28 -8.82
C LYS A 346 0.23 -16.33 -8.06
N VAL A 347 -0.53 -15.52 -8.80
CA VAL A 347 -1.23 -14.37 -8.24
C VAL A 347 -2.73 -14.57 -8.43
N GLN A 348 -3.49 -14.32 -7.36
CA GLN A 348 -4.94 -14.28 -7.42
C GLN A 348 -5.38 -12.82 -7.57
N PHE A 349 -6.19 -12.56 -8.60
CA PHE A 349 -6.74 -11.23 -8.83
C PHE A 349 -8.09 -11.12 -8.13
N ASN A 350 -8.22 -10.17 -7.21
CA ASN A 350 -9.42 -10.00 -6.41
C ASN A 350 -10.14 -8.75 -6.91
N PHE A 351 -11.00 -8.93 -7.90
CA PHE A 351 -11.70 -7.82 -8.54
C PHE A 351 -12.81 -7.26 -7.65
N GLY B 1 -11.21 2.69 -13.87
CA GLY B 1 -10.89 3.31 -12.60
C GLY B 1 -12.10 3.85 -11.86
N PRO B 2 -12.34 3.33 -10.65
CA PRO B 2 -13.39 3.88 -9.79
C PRO B 2 -13.38 5.40 -9.70
N GLU B 3 -12.21 5.98 -9.44
CA GLU B 3 -11.99 7.43 -9.50
C GLU B 3 -12.75 8.20 -8.43
N SER B 4 -12.01 8.80 -7.51
CA SER B 4 -12.58 9.46 -6.35
C SER B 4 -13.15 10.83 -6.72
N GLN B 5 -14.25 11.20 -6.05
CA GLN B 5 -14.89 12.50 -6.24
C GLN B 5 -14.50 13.50 -5.16
N LEU B 6 -13.54 13.17 -4.31
CA LEU B 6 -13.19 13.99 -3.17
C LEU B 6 -12.12 15.01 -3.52
N ASP B 7 -12.11 16.13 -2.80
CA ASP B 7 -11.01 17.08 -2.87
C ASP B 7 -9.70 16.35 -2.63
N LEU B 8 -8.66 16.74 -3.38
CA LEU B 8 -7.41 16.00 -3.35
C LEU B 8 -6.78 15.98 -1.97
N ARG B 9 -6.96 17.05 -1.20
CA ARG B 9 -6.42 17.08 0.16
C ARG B 9 -7.13 16.08 1.07
N VAL B 10 -8.42 15.87 0.85
CA VAL B 10 -9.15 14.84 1.61
C VAL B 10 -8.71 13.45 1.18
N GLN B 11 -8.51 13.25 -0.13
CA GLN B 11 -8.06 11.95 -0.62
C GLN B 11 -6.76 11.53 0.04
N GLU B 12 -5.80 12.45 0.14
CA GLU B 12 -4.52 12.12 0.76
C GLU B 12 -4.70 11.78 2.24
N LEU B 13 -5.59 12.51 2.92
CA LEU B 13 -5.86 12.25 4.33
C LEU B 13 -6.44 10.86 4.53
N ILE B 14 -7.45 10.50 3.72
CA ILE B 14 -8.05 9.17 3.83
C ILE B 14 -7.02 8.09 3.56
N LYS B 15 -6.30 8.22 2.45
CA LYS B 15 -5.23 7.27 2.12
C LYS B 15 -4.28 7.07 3.30
N LEU B 16 -3.95 8.16 4.00
CA LEU B 16 -3.02 8.09 5.12
C LEU B 16 -3.59 7.29 6.28
N ILE B 17 -4.78 7.67 6.76
CA ILE B 17 -5.33 7.06 7.96
C ILE B 17 -5.91 5.68 7.71
N CYS B 18 -6.18 5.33 6.45
CA CYS B 18 -6.76 4.03 6.12
C CYS B 18 -5.73 3.01 5.66
N ASN B 19 -4.44 3.31 5.84
CA ASN B 19 -3.38 2.43 5.36
C ASN B 19 -3.21 1.30 6.37
N VAL B 20 -3.88 0.18 6.09
CA VAL B 20 -3.83 -0.99 6.97
C VAL B 20 -2.40 -1.54 7.07
N GLN B 21 -1.62 -1.42 6.00
CA GLN B 21 -0.27 -1.94 6.03
C GLN B 21 0.63 -1.13 6.96
N ALA B 22 0.40 0.19 7.05
CA ALA B 22 1.09 0.98 8.06
C ALA B 22 0.66 0.55 9.47
N MET B 23 -0.63 0.20 9.64
CA MET B 23 -1.09 -0.30 10.92
C MET B 23 -0.39 -1.61 11.28
N GLU B 24 -0.26 -2.51 10.31
CA GLU B 24 0.44 -3.77 10.54
C GLU B 24 1.88 -3.52 10.99
N GLU B 25 2.59 -2.64 10.30
CA GLU B 25 3.99 -2.40 10.61
C GLU B 25 4.16 -1.76 11.99
N MET B 26 3.22 -0.92 12.42
CA MET B 26 3.30 -0.35 13.76
C MET B 26 3.11 -1.42 14.82
N MET B 27 2.13 -2.31 14.63
CA MET B 27 1.90 -3.37 15.59
C MET B 27 3.06 -4.34 15.69
N MET B 28 3.77 -4.60 14.59
CA MET B 28 4.98 -5.41 14.67
C MET B 28 6.09 -4.67 15.41
N GLU B 29 6.14 -3.34 15.29
CA GLU B 29 7.08 -2.56 16.08
C GLU B 29 6.80 -2.67 17.56
N MET B 30 5.52 -2.78 17.94
CA MET B 30 5.15 -2.93 19.33
C MET B 30 5.14 -4.39 19.79
N LYS B 31 5.83 -5.26 19.05
CA LYS B 31 6.07 -6.68 19.35
C LYS B 31 4.80 -7.52 19.24
N TYR B 32 3.69 -6.97 18.74
CA TYR B 32 2.46 -7.73 18.62
C TYR B 32 2.57 -8.70 17.45
N ASN B 33 2.20 -9.96 17.68
CA ASN B 33 2.40 -11.03 16.71
C ASN B 33 1.23 -11.04 15.73
N THR B 34 1.43 -10.39 14.58
CA THR B 34 0.35 -10.26 13.61
C THR B 34 0.17 -11.52 12.77
N LYS B 35 1.19 -12.35 12.60
CA LYS B 35 0.98 -13.60 11.88
C LYS B 35 0.17 -14.56 12.73
N LYS B 36 0.49 -14.64 14.03
CA LYS B 36 -0.30 -15.46 14.95
C LYS B 36 -1.68 -14.87 15.19
N ALA B 37 -1.79 -13.55 15.20
CA ALA B 37 -3.06 -12.86 15.44
C ALA B 37 -3.19 -11.72 14.43
N PRO B 38 -3.71 -12.01 13.24
CA PRO B 38 -3.83 -10.96 12.21
C PRO B 38 -4.88 -9.94 12.56
N LEU B 39 -4.69 -8.72 12.03
CA LEU B 39 -5.57 -7.61 12.36
C LEU B 39 -6.97 -7.78 11.80
N GLY B 40 -7.13 -8.58 10.74
CA GLY B 40 -8.46 -8.89 10.24
C GLY B 40 -9.29 -9.71 11.20
N LYS B 41 -8.66 -10.43 12.12
CA LYS B 41 -9.35 -11.27 13.09
C LYS B 41 -9.62 -10.55 14.40
N LEU B 42 -9.28 -9.28 14.51
CA LEU B 42 -9.46 -8.54 15.76
C LEU B 42 -10.95 -8.38 16.09
N THR B 43 -11.27 -8.51 17.37
CA THR B 43 -12.61 -8.22 17.86
C THR B 43 -12.51 -7.37 19.13
N VAL B 44 -13.60 -6.66 19.41
CA VAL B 44 -13.71 -5.91 20.66
C VAL B 44 -13.62 -6.86 21.86
N ALA B 45 -14.11 -8.09 21.71
CA ALA B 45 -14.06 -9.05 22.80
C ALA B 45 -12.62 -9.41 23.17
N GLN B 46 -11.77 -9.63 22.16
CA GLN B 46 -10.37 -9.96 22.42
C GLN B 46 -9.64 -8.83 23.13
N ILE B 47 -10.03 -7.58 22.84
CA ILE B 47 -9.33 -6.44 23.42
C ILE B 47 -9.80 -6.18 24.85
N LYS B 48 -11.10 -6.28 25.09
CA LYS B 48 -11.61 -6.22 26.46
C LYS B 48 -10.98 -7.31 27.32
N ALA B 49 -10.77 -8.48 26.74
CA ALA B 49 -10.11 -9.57 27.46
C ALA B 49 -8.64 -9.25 27.72
N GLY B 50 -8.00 -8.54 26.79
CA GLY B 50 -6.65 -8.06 27.05
C GLY B 50 -6.62 -7.09 28.22
N TYR B 51 -7.54 -6.12 28.22
CA TYR B 51 -7.63 -5.18 29.34
C TYR B 51 -7.86 -5.90 30.66
N GLN B 52 -8.81 -6.84 30.68
CA GLN B 52 -9.10 -7.57 31.90
C GLN B 52 -7.84 -8.25 32.44
N SER B 53 -7.05 -8.86 31.56
CA SER B 53 -5.83 -9.54 32.00
C SER B 53 -4.82 -8.55 32.58
N LEU B 54 -4.74 -7.34 32.02
CA LEU B 54 -3.85 -6.33 32.59
C LEU B 54 -4.34 -5.90 33.97
N LYS B 55 -5.67 -5.85 34.17
CA LYS B 55 -6.20 -5.51 35.48
C LYS B 55 -5.90 -6.59 36.50
N LYS B 56 -5.90 -7.86 36.08
CA LYS B 56 -5.47 -8.95 36.97
C LYS B 56 -4.00 -8.80 37.33
N ILE B 57 -3.15 -8.45 36.36
CA ILE B 57 -1.75 -8.15 36.66
C ILE B 57 -1.66 -7.01 37.66
N GLU B 58 -2.48 -5.97 37.48
CA GLU B 58 -2.49 -4.86 38.42
C GLU B 58 -2.91 -5.33 39.81
N ASP B 59 -3.84 -6.29 39.88
CA ASP B 59 -4.23 -6.84 41.17
C ASP B 59 -3.06 -7.57 41.82
N CYS B 60 -2.30 -8.33 41.04
CA CYS B 60 -1.16 -9.06 41.58
C CYS B 60 -0.10 -8.11 42.12
N ILE B 61 0.16 -7.01 41.40
CA ILE B 61 1.16 -6.05 41.84
C ILE B 61 0.74 -5.39 43.14
N ARG B 62 -0.53 -4.97 43.22
CA ARG B 62 -1.03 -4.33 44.43
C ARG B 62 -0.96 -5.28 45.62
N ALA B 63 -1.29 -6.55 45.40
CA ALA B 63 -1.23 -7.55 46.45
C ALA B 63 0.19 -7.98 46.79
N GLY B 64 1.20 -7.42 46.13
CA GLY B 64 2.57 -7.81 46.39
C GLY B 64 2.95 -9.19 45.90
N GLN B 65 2.19 -9.74 44.94
CA GLN B 65 2.48 -11.05 44.39
C GLN B 65 3.41 -10.89 43.18
N HIS B 66 4.59 -11.50 43.26
CA HIS B 66 5.54 -11.48 42.16
C HIS B 66 5.91 -12.87 41.69
N GLY B 67 5.33 -13.92 42.27
CA GLY B 67 5.68 -15.27 41.89
C GLY B 67 4.67 -15.92 40.96
N ARG B 68 4.12 -17.07 41.39
CA ARG B 68 3.28 -17.86 40.51
C ARG B 68 2.07 -17.07 40.02
N ALA B 69 1.44 -16.31 40.91
CA ALA B 69 0.23 -15.57 40.54
C ALA B 69 0.52 -14.55 39.44
N LEU B 70 1.61 -13.80 39.58
CA LEU B 70 1.97 -12.81 38.56
C LEU B 70 2.29 -13.49 37.23
N MET B 71 2.95 -14.64 37.28
CA MET B 71 3.36 -15.32 36.06
C MET B 71 2.17 -15.82 35.26
N GLU B 72 1.13 -16.31 35.95
CA GLU B 72 -0.04 -16.81 35.24
C GLU B 72 -0.92 -15.69 34.72
N ALA B 73 -1.03 -14.60 35.48
CA ALA B 73 -1.72 -13.42 34.97
C ALA B 73 -1.05 -12.92 33.70
N CYS B 74 0.28 -12.81 33.72
CA CYS B 74 1.01 -12.36 32.54
C CYS B 74 0.91 -13.37 31.40
N ASN B 75 1.06 -14.67 31.71
CA ASN B 75 0.90 -15.69 30.68
C ASN B 75 -0.48 -15.63 30.06
N GLU B 76 -1.50 -15.31 30.87
CA GLU B 76 -2.86 -15.19 30.35
C GLU B 76 -2.98 -14.00 29.40
N PHE B 77 -2.35 -12.88 29.75
CA PHE B 77 -2.36 -11.71 28.85
C PHE B 77 -1.65 -12.03 27.55
N TYR B 78 -0.45 -12.62 27.63
CA TYR B 78 0.34 -12.88 26.43
C TYR B 78 -0.30 -13.91 25.52
N THR B 79 -1.16 -14.78 26.05
CA THR B 79 -1.87 -15.72 25.20
C THR B 79 -3.08 -15.08 24.54
N ARG B 80 -3.77 -14.17 25.25
CA ARG B 80 -4.85 -13.43 24.64
C ARG B 80 -4.33 -12.38 23.66
N ILE B 81 -3.15 -11.81 23.94
CA ILE B 81 -2.57 -10.77 23.09
C ILE B 81 -1.18 -11.23 22.66
N PRO B 82 -1.06 -11.96 21.56
CA PRO B 82 0.21 -12.59 21.20
C PRO B 82 1.30 -11.58 20.91
N HIS B 83 2.47 -11.79 21.50
CA HIS B 83 3.66 -11.01 21.22
C HIS B 83 4.69 -11.87 20.51
N ASP B 84 5.52 -11.23 19.70
CA ASP B 84 6.50 -11.93 18.86
C ASP B 84 7.88 -11.77 19.51
N PHE B 85 8.13 -12.57 20.53
CA PHE B 85 9.41 -12.60 21.22
C PHE B 85 10.34 -13.70 20.73
N GLY B 86 10.18 -14.13 19.47
CA GLY B 86 10.96 -15.24 18.98
C GLY B 86 10.64 -16.50 19.76
N LEU B 87 11.67 -17.17 20.24
CA LEU B 87 11.51 -18.23 21.22
C LEU B 87 11.92 -17.79 22.62
N ARG B 88 12.18 -16.50 22.81
CA ARG B 88 12.39 -15.95 24.15
C ARG B 88 11.08 -15.96 24.93
N THR B 89 11.21 -16.07 26.25
CA THR B 89 10.02 -16.06 27.10
C THR B 89 9.54 -14.62 27.30
N PRO B 90 8.25 -14.35 27.16
CA PRO B 90 7.75 -12.97 27.32
C PRO B 90 8.05 -12.44 28.71
N PRO B 91 8.40 -11.17 28.83
CA PRO B 91 8.80 -10.62 30.12
C PRO B 91 7.61 -10.35 31.03
N LEU B 92 7.86 -10.44 32.34
CA LEU B 92 6.84 -10.11 33.31
C LEU B 92 6.48 -8.63 33.23
N ILE B 93 5.21 -8.32 33.49
CA ILE B 93 4.70 -6.96 33.51
C ILE B 93 4.51 -6.58 34.97
N ARG B 94 5.21 -5.54 35.44
CA ARG B 94 5.09 -5.22 36.86
C ARG B 94 5.33 -3.76 37.23
N THR B 95 5.85 -2.94 36.32
CA THR B 95 5.93 -1.51 36.58
C THR B 95 4.78 -0.78 35.91
N GLN B 96 4.58 0.47 36.32
CA GLN B 96 3.53 1.30 35.71
C GLN B 96 3.84 1.55 34.24
N LYS B 97 5.12 1.77 33.91
CA LYS B 97 5.49 2.00 32.52
C LYS B 97 5.32 0.73 31.69
N GLU B 98 5.67 -0.43 32.25
CA GLU B 98 5.44 -1.68 31.53
C GLU B 98 3.94 -1.93 31.34
N LEU B 99 3.15 -1.66 32.38
CA LEU B 99 1.70 -1.79 32.25
C LEU B 99 1.15 -0.81 31.22
N SER B 100 1.66 0.43 31.22
CA SER B 100 1.15 1.44 30.30
C SER B 100 1.49 1.10 28.84
N GLU B 101 2.67 0.53 28.60
CA GLU B 101 3.04 0.14 27.24
C GLU B 101 2.08 -0.89 26.68
N LYS B 102 1.59 -1.80 27.53
CA LYS B 102 0.61 -2.78 27.06
C LYS B 102 -0.75 -2.13 26.86
N ILE B 103 -1.10 -1.14 27.70
CA ILE B 103 -2.34 -0.39 27.49
C ILE B 103 -2.30 0.33 26.16
N GLN B 104 -1.19 1.02 25.88
CA GLN B 104 -1.03 1.68 24.59
C GLN B 104 -1.15 0.70 23.43
N LEU B 105 -0.72 -0.55 23.64
CA LEU B 105 -0.88 -1.56 22.60
C LEU B 105 -2.35 -1.90 22.40
N LEU B 106 -3.09 -2.07 23.50
CA LEU B 106 -4.52 -2.36 23.38
C LEU B 106 -5.27 -1.19 22.77
N GLU B 107 -4.87 0.03 23.10
CA GLU B 107 -5.53 1.21 22.53
C GLU B 107 -5.36 1.25 21.02
N ALA B 108 -4.16 0.94 20.53
CA ALA B 108 -3.94 0.91 19.09
C ALA B 108 -4.75 -0.20 18.44
N LEU B 109 -4.72 -1.40 19.03
CA LEU B 109 -5.54 -2.49 18.51
C LEU B 109 -7.02 -2.13 18.51
N GLY B 110 -7.46 -1.36 19.50
CA GLY B 110 -8.86 -0.95 19.54
C GLY B 110 -9.23 -0.06 18.37
N ASP B 111 -8.40 0.95 18.09
CA ASP B 111 -8.69 1.84 16.97
C ASP B 111 -8.41 1.18 15.63
N ILE B 112 -7.50 0.22 15.58
CA ILE B 112 -7.29 -0.53 14.36
C ILE B 112 -8.48 -1.43 14.07
N GLU B 113 -9.05 -2.04 15.11
CA GLU B 113 -10.27 -2.84 14.94
C GLU B 113 -11.40 -2.00 14.34
N ILE B 114 -11.52 -0.75 14.78
CA ILE B 114 -12.53 0.14 14.20
C ILE B 114 -12.21 0.41 12.74
N ALA B 115 -10.95 0.68 12.42
CA ALA B 115 -10.56 1.00 11.05
C ALA B 115 -10.72 -0.21 10.14
N ILE B 116 -10.38 -1.40 10.63
CA ILE B 116 -10.52 -2.61 9.83
C ILE B 116 -11.99 -2.82 9.47
N LYS B 117 -12.88 -2.66 10.46
CA LYS B 117 -14.31 -2.79 10.21
C LYS B 117 -14.78 -1.80 9.13
N LEU B 118 -14.23 -0.58 9.15
CA LEU B 118 -14.68 0.44 8.21
C LEU B 118 -14.10 0.22 6.82
N VAL B 119 -12.81 -0.11 6.74
CA VAL B 119 -12.19 -0.38 5.44
C VAL B 119 -12.84 -1.61 4.80
N LYS B 120 -13.07 -2.66 5.60
CA LYS B 120 -13.73 -3.85 5.09
C LYS B 120 -15.24 -3.67 4.94
N SER B 121 -15.81 -2.58 5.46
CA SER B 121 -17.19 -2.24 5.16
C SER B 121 -17.37 -1.84 3.69
N GLU B 122 -16.27 -1.69 2.97
CA GLU B 122 -16.24 -1.51 1.52
C GLU B 122 -17.29 -2.35 0.80
N ARG B 123 -18.25 -1.67 0.17
CA ARG B 123 -19.21 -2.34 -0.71
C ARG B 123 -18.73 -2.09 -2.14
N GLN B 124 -17.83 -2.96 -2.61
CA GLN B 124 -17.10 -2.75 -3.85
C GLN B 124 -18.03 -2.39 -5.01
N GLY B 125 -17.55 -1.52 -5.88
CA GLY B 125 -18.27 -1.07 -7.05
C GLY B 125 -17.43 -0.05 -7.80
N LEU B 126 -18.05 0.82 -8.57
CA LEU B 126 -17.25 1.88 -9.18
C LEU B 126 -17.07 3.07 -8.25
N GLU B 127 -17.75 3.11 -7.10
CA GLU B 127 -17.44 4.15 -6.14
C GLU B 127 -16.07 3.87 -5.53
N HIS B 128 -15.18 4.85 -5.66
CA HIS B 128 -13.80 4.65 -5.23
C HIS B 128 -13.74 4.34 -3.74
N PRO B 129 -12.81 3.48 -3.33
CA PRO B 129 -12.70 3.14 -1.90
C PRO B 129 -12.54 4.33 -0.99
N LEU B 130 -11.73 5.32 -1.36
CA LEU B 130 -11.52 6.49 -0.51
C LEU B 130 -12.83 7.21 -0.25
N ASP B 131 -13.73 7.25 -1.24
CA ASP B 131 -15.01 7.91 -1.05
C ASP B 131 -15.88 7.15 -0.06
N GLN B 132 -15.92 5.82 -0.18
CA GLN B 132 -16.70 5.01 0.76
C GLN B 132 -16.18 5.18 2.18
N HIS B 133 -14.86 5.02 2.36
CA HIS B 133 -14.25 5.18 3.68
C HIS B 133 -14.61 6.54 4.29
N TYR B 134 -14.52 7.60 3.48
CA TYR B 134 -14.83 8.94 3.98
C TYR B 134 -16.29 9.03 4.44
N ARG B 135 -17.21 8.55 3.62
CA ARG B 135 -18.63 8.57 3.99
C ARG B 135 -18.87 7.79 5.29
N ASN B 136 -18.23 6.64 5.43
CA ASN B 136 -18.45 5.78 6.58
C ASN B 136 -17.80 6.31 7.85
N LEU B 137 -16.97 7.36 7.75
CA LEU B 137 -16.49 8.02 8.96
C LEU B 137 -17.63 8.72 9.71
N HIS B 138 -18.63 9.20 8.97
CA HIS B 138 -19.65 10.09 9.51
C HIS B 138 -19.00 11.24 10.27
N CYS B 139 -18.05 11.89 9.58
CA CYS B 139 -17.31 13.02 10.12
C CYS B 139 -16.85 13.87 8.95
N ALA B 140 -17.36 15.09 8.87
CA ALA B 140 -16.98 15.98 7.78
C ALA B 140 -15.56 16.50 7.97
N LEU B 141 -14.81 16.57 6.87
CA LEU B 141 -13.46 17.12 6.86
C LEU B 141 -13.37 18.09 5.70
N ARG B 142 -13.31 19.37 5.99
CA ARG B 142 -13.36 20.41 4.96
C ARG B 142 -12.04 21.18 4.95
N PRO B 143 -11.25 21.09 3.88
CA PRO B 143 -9.98 21.83 3.85
C PRO B 143 -10.20 23.33 3.83
N LEU B 144 -9.27 24.05 4.45
CA LEU B 144 -9.34 25.49 4.58
C LEU B 144 -8.23 26.16 3.79
N ASP B 145 -8.44 27.42 3.44
CA ASP B 145 -7.44 28.18 2.71
C ASP B 145 -6.27 28.54 3.62
N HIS B 146 -5.07 28.46 3.06
CA HIS B 146 -3.88 28.88 3.80
C HIS B 146 -3.90 30.37 4.11
N GLU B 147 -4.71 31.13 3.39
CA GLU B 147 -4.84 32.56 3.57
C GLU B 147 -6.05 32.92 4.43
N SER B 148 -6.81 31.92 4.86
CA SER B 148 -7.95 32.14 5.72
C SER B 148 -7.52 32.59 7.11
N TYR B 149 -8.42 33.29 7.80
CA TYR B 149 -8.14 33.73 9.16
C TYR B 149 -8.03 32.55 10.12
N GLU B 150 -8.74 31.46 9.85
CA GLU B 150 -8.61 30.27 10.69
C GLU B 150 -7.23 29.64 10.54
N PHE B 151 -6.73 29.54 9.32
CA PHE B 151 -5.40 28.98 9.09
C PHE B 151 -4.34 29.83 9.77
N LYS B 152 -4.53 31.15 9.80
CA LYS B 152 -3.51 32.03 10.36
C LYS B 152 -3.47 31.95 11.88
N VAL B 153 -4.65 31.99 12.52
CA VAL B 153 -4.70 31.86 13.97
C VAL B 153 -4.16 30.51 14.40
N ILE B 154 -4.50 29.46 13.66
CA ILE B 154 -4.07 28.11 14.04
C ILE B 154 -2.58 27.91 13.76
N SER B 155 -2.04 28.56 12.73
CA SER B 155 -0.59 28.52 12.52
C SER B 155 0.13 29.24 13.66
N GLN B 156 -0.41 30.36 14.12
CA GLN B 156 0.17 31.06 15.26
C GLN B 156 0.15 30.17 16.50
N TYR B 157 -0.98 29.50 16.75
CA TYR B 157 -1.12 28.59 17.88
C TYR B 157 -0.12 27.45 17.79
N LEU B 158 0.05 26.87 16.59
CA LEU B 158 0.99 25.76 16.41
C LEU B 158 2.41 26.19 16.74
N GLN B 159 2.83 27.35 16.23
CA GLN B 159 4.23 27.76 16.38
C GLN B 159 4.49 28.39 17.73
N SER B 160 3.61 29.28 18.18
CA SER B 160 3.85 30.01 19.42
C SER B 160 3.84 29.11 20.65
N THR B 161 3.29 27.89 20.54
CA THR B 161 3.25 26.97 21.67
C THR B 161 4.06 25.70 21.43
N HIS B 162 5.00 25.73 20.49
CA HIS B 162 5.99 24.66 20.42
C HIS B 162 7.02 24.89 21.51
N ALA B 163 7.23 23.89 22.33
CA ALA B 163 8.04 24.04 23.53
C ALA B 163 9.53 23.92 23.20
N PRO B 164 10.37 24.75 23.84
CA PRO B 164 11.82 24.63 23.62
C PRO B 164 12.43 23.34 24.14
N THR B 165 11.83 22.67 25.13
CA THR B 165 12.33 21.36 25.50
C THR B 165 12.10 20.32 24.42
N HIS B 166 11.14 20.56 23.52
CA HIS B 166 10.91 19.71 22.36
C HIS B 166 11.62 20.28 21.15
N SER B 167 12.93 20.48 21.31
CA SER B 167 13.79 21.17 20.36
C SER B 167 14.41 20.23 19.33
N ASP B 168 13.98 18.98 19.28
CA ASP B 168 14.55 17.99 18.37
C ASP B 168 13.86 17.98 17.01
N TYR B 169 12.87 18.85 16.80
CA TYR B 169 12.19 18.95 15.52
C TYR B 169 11.47 20.30 15.45
N THR B 170 11.11 20.68 14.23
CA THR B 170 10.15 21.75 14.00
C THR B 170 8.97 21.17 13.24
N MET B 171 7.92 21.97 13.09
CA MET B 171 6.67 21.50 12.52
C MET B 171 6.23 22.43 11.39
N THR B 172 5.97 21.83 10.23
CA THR B 172 5.40 22.55 9.09
C THR B 172 3.95 22.12 8.91
N LEU B 173 3.05 23.10 8.86
CA LEU B 173 1.62 22.82 8.68
C LEU B 173 1.34 22.66 7.19
N LEU B 174 1.03 21.43 6.77
CA LEU B 174 0.73 21.15 5.37
C LEU B 174 -0.73 21.43 5.04
N ASP B 175 -1.66 20.86 5.80
CA ASP B 175 -3.07 20.98 5.50
C ASP B 175 -3.86 21.22 6.78
N LEU B 176 -4.93 22.00 6.66
CA LEU B 176 -5.82 22.32 7.77
C LEU B 176 -7.25 21.97 7.37
N PHE B 177 -7.89 21.13 8.17
CA PHE B 177 -9.27 20.71 7.93
C PHE B 177 -10.16 21.18 9.06
N GLU B 178 -11.34 21.67 8.71
CA GLU B 178 -12.41 21.78 9.69
C GLU B 178 -12.99 20.41 9.95
N VAL B 179 -13.23 20.10 11.22
CA VAL B 179 -13.77 18.80 11.63
C VAL B 179 -15.17 19.00 12.17
N GLU B 180 -16.13 18.23 11.65
CA GLU B 180 -17.50 18.24 12.15
C GLU B 180 -17.97 16.80 12.24
N LYS B 181 -17.87 16.21 13.43
CA LYS B 181 -18.34 14.85 13.63
C LYS B 181 -19.83 14.84 13.91
N ASP B 182 -20.53 13.91 13.28
CA ASP B 182 -21.97 13.75 13.48
C ASP B 182 -22.33 13.71 14.96
N GLY B 183 -23.27 14.56 15.35
CA GLY B 183 -23.82 14.56 16.69
C GLY B 183 -23.00 15.25 17.76
N GLU B 184 -21.76 15.65 17.46
CA GLU B 184 -20.90 16.21 18.50
C GLU B 184 -21.39 17.56 18.98
N LYS B 185 -21.86 18.40 18.06
CA LYS B 185 -22.41 19.71 18.44
C LYS B 185 -23.59 19.57 19.39
N GLU B 186 -24.47 18.59 19.12
CA GLU B 186 -25.69 18.47 19.93
C GLU B 186 -25.39 17.90 21.32
N ALA B 187 -24.34 17.10 21.45
CA ALA B 187 -23.99 16.55 22.76
C ALA B 187 -23.19 17.52 23.61
N PHE B 188 -22.61 18.55 23.01
CA PHE B 188 -21.59 19.35 23.66
C PHE B 188 -22.17 20.21 24.79
N ARG B 189 -21.47 20.22 25.93
CA ARG B 189 -21.84 21.06 27.07
C ARG B 189 -21.45 22.51 26.78
N GLU B 190 -22.32 23.20 26.05
CA GLU B 190 -22.10 24.63 25.82
C GLU B 190 -22.26 25.45 27.09
N ASP B 191 -22.99 24.93 28.08
CA ASP B 191 -23.31 25.71 29.27
C ASP B 191 -22.10 25.90 30.18
N LEU B 192 -21.10 25.03 30.10
CA LEU B 192 -19.94 25.14 30.97
C LEU B 192 -19.04 26.29 30.52
N HIS B 193 -18.49 27.02 31.49
CA HIS B 193 -17.50 28.05 31.20
C HIS B 193 -16.14 27.41 30.97
N ASN B 194 -15.14 28.25 30.72
CA ASN B 194 -13.75 27.82 30.54
C ASN B 194 -13.62 26.88 29.33
N ARG B 195 -14.22 27.30 28.21
CA ARG B 195 -14.12 26.56 26.96
C ARG B 195 -12.83 26.94 26.24
N MET B 196 -11.94 25.98 26.04
CA MET B 196 -10.64 26.25 25.44
C MET B 196 -10.41 25.36 24.23
N LEU B 197 -9.69 25.89 23.24
CA LEU B 197 -9.26 25.14 22.07
C LEU B 197 -7.93 24.48 22.40
N LEU B 198 -7.94 23.15 22.54
CA LEU B 198 -6.77 22.43 23.06
C LEU B 198 -6.35 21.32 22.10
N TRP B 199 -5.09 20.91 22.25
CA TRP B 199 -4.44 19.95 21.37
C TRP B 199 -4.67 18.51 21.83
N HIS B 200 -4.65 17.59 20.86
CA HIS B 200 -4.56 16.17 21.13
C HIS B 200 -3.80 15.50 20.00
N GLY B 201 -2.75 14.76 20.35
CA GLY B 201 -1.98 14.01 19.39
C GLY B 201 -2.18 12.52 19.59
N SER B 202 -2.06 11.77 18.50
CA SER B 202 -2.24 10.33 18.53
C SER B 202 -1.48 9.70 17.38
N ARG B 203 -1.21 8.40 17.52
CA ARG B 203 -0.54 7.67 16.45
C ARG B 203 -1.38 7.70 15.18
N MET B 204 -0.71 7.56 14.04
CA MET B 204 -1.40 7.63 12.75
C MET B 204 -2.50 6.58 12.63
N SER B 205 -2.34 5.44 13.28
CA SER B 205 -3.28 4.34 13.14
C SER B 205 -4.61 4.59 13.85
N ASN B 206 -4.69 5.61 14.70
CA ASN B 206 -5.84 5.80 15.57
C ASN B 206 -6.86 6.78 15.02
N TRP B 207 -6.62 7.39 13.87
CA TRP B 207 -7.44 8.53 13.45
C TRP B 207 -8.78 8.10 12.86
N VAL B 208 -8.86 6.92 12.25
CA VAL B 208 -10.17 6.44 11.80
C VAL B 208 -11.09 6.24 13.00
N GLY B 209 -10.57 5.63 14.08
CA GLY B 209 -11.37 5.49 15.28
C GLY B 209 -11.73 6.82 15.90
N ILE B 210 -10.76 7.73 16.00
CA ILE B 210 -11.02 9.04 16.61
C ILE B 210 -12.01 9.83 15.78
N LEU B 211 -11.84 9.84 14.46
CA LEU B 211 -12.74 10.63 13.63
C LEU B 211 -14.13 10.00 13.53
N SER B 212 -14.22 8.67 13.59
CA SER B 212 -15.52 8.00 13.43
C SER B 212 -16.28 7.85 14.74
N HIS B 213 -15.57 7.64 15.85
CA HIS B 213 -16.22 7.47 17.16
C HIS B 213 -15.93 8.61 18.13
N GLY B 214 -15.11 9.59 17.75
CA GLY B 214 -14.76 10.67 18.65
C GLY B 214 -13.76 10.23 19.69
N LEU B 215 -13.27 11.21 20.45
CA LEU B 215 -12.42 10.90 21.59
C LEU B 215 -13.27 10.25 22.67
N ARG B 216 -12.76 9.14 23.22
N ARG B 216 -12.80 9.13 23.21
CA ARG B 216 -13.48 8.29 24.15
CA ARG B 216 -13.55 8.42 24.23
C ARG B 216 -12.63 8.09 25.40
C ARG B 216 -12.67 8.20 25.44
N ILE B 217 -13.26 7.66 26.50
CA ILE B 217 -12.53 7.36 27.72
C ILE B 217 -12.20 5.89 27.75
N ALA B 218 -11.19 5.54 28.55
CA ALA B 218 -10.77 4.15 28.67
C ALA B 218 -11.91 3.30 29.24
N PRO B 219 -11.99 2.03 28.86
CA PRO B 219 -13.11 1.19 29.30
C PRO B 219 -13.00 0.84 30.77
N PRO B 220 -14.10 0.38 31.38
CA PRO B 220 -14.03 0.00 32.80
C PRO B 220 -13.04 -1.11 33.10
N GLU B 221 -12.75 -1.98 32.13
CA GLU B 221 -11.87 -3.12 32.39
C GLU B 221 -10.41 -2.72 32.49
N ALA B 222 -10.05 -1.51 32.06
CA ALA B 222 -8.65 -1.12 32.06
C ALA B 222 -8.15 -0.91 33.49
N PRO B 223 -6.88 -1.24 33.76
CA PRO B 223 -6.32 -0.96 35.08
C PRO B 223 -6.26 0.54 35.32
N ILE B 224 -6.63 0.96 36.53
CA ILE B 224 -6.74 2.39 36.79
C ILE B 224 -5.35 3.04 36.85
N THR B 225 -4.32 2.31 37.28
CA THR B 225 -3.01 2.92 37.42
C THR B 225 -2.32 3.18 36.09
N GLY B 226 -2.91 2.76 34.97
CA GLY B 226 -2.35 3.11 33.68
C GLY B 226 -2.67 4.50 33.20
N TYR B 227 -3.34 5.30 34.03
CA TYR B 227 -3.82 6.62 33.64
C TYR B 227 -3.47 7.60 34.75
N MET B 228 -2.55 8.53 34.46
CA MET B 228 -1.95 9.34 35.51
C MET B 228 -2.96 10.26 36.18
N PHE B 229 -4.02 10.65 35.47
CA PHE B 229 -5.06 11.48 36.07
C PHE B 229 -6.44 10.85 35.87
N GLY B 230 -6.49 9.52 35.78
CA GLY B 230 -7.76 8.83 35.68
C GLY B 230 -8.20 8.58 34.25
N LYS B 231 -9.35 7.93 34.14
CA LYS B 231 -9.88 7.50 32.84
C LYS B 231 -10.65 8.64 32.20
N GLY B 232 -9.89 9.58 31.64
CA GLY B 232 -10.48 10.71 30.93
C GLY B 232 -9.86 10.91 29.57
N ILE B 233 -10.14 12.07 28.96
CA ILE B 233 -9.57 12.43 27.66
C ILE B 233 -8.58 13.57 27.90
N TYR B 234 -7.36 13.40 27.41
CA TYR B 234 -6.22 14.24 27.80
C TYR B 234 -5.89 15.23 26.69
N PHE B 235 -5.70 16.49 27.08
CA PHE B 235 -5.37 17.57 26.15
C PHE B 235 -4.20 18.38 26.67
N ALA B 236 -3.58 19.13 25.78
CA ALA B 236 -2.48 20.03 26.10
C ALA B 236 -2.73 21.39 25.46
N ASP B 237 -2.13 22.43 26.05
CA ASP B 237 -2.15 23.76 25.46
C ASP B 237 -0.83 24.12 24.80
N MET B 238 0.11 23.18 24.72
CA MET B 238 1.35 23.33 23.98
C MET B 238 1.34 22.31 22.86
N SER B 239 1.47 22.79 21.62
CA SER B 239 1.34 21.91 20.46
C SER B 239 2.36 20.77 20.51
N SER B 240 3.60 21.08 20.91
CA SER B 240 4.66 20.08 20.86
C SER B 240 4.47 18.97 21.87
N LYS B 241 3.81 19.25 23.01
CA LYS B 241 3.50 18.18 23.94
C LYS B 241 2.57 17.15 23.32
N SER B 242 1.47 17.62 22.72
CA SER B 242 0.56 16.70 22.05
C SER B 242 1.22 16.06 20.84
N ALA B 243 2.05 16.82 20.12
CA ALA B 243 2.65 16.31 18.89
C ALA B 243 3.63 15.17 19.17
N ASN B 244 4.20 15.13 20.37
CA ASN B 244 5.06 14.01 20.74
C ASN B 244 4.29 12.71 20.86
N TYR B 245 2.98 12.78 21.13
CA TYR B 245 2.14 11.59 21.15
C TYR B 245 1.72 11.16 19.75
N CYS B 246 2.16 11.87 18.71
CA CYS B 246 2.03 11.36 17.35
C CYS B 246 3.02 10.25 17.08
N PHE B 247 4.14 10.22 17.81
CA PHE B 247 5.20 9.22 17.64
C PHE B 247 5.67 9.18 16.19
N ALA B 248 5.85 10.36 15.61
CA ALA B 248 6.43 10.46 14.28
C ALA B 248 7.92 10.19 14.33
N SER B 249 8.49 9.91 13.16
CA SER B 249 9.88 9.53 13.03
C SER B 249 10.46 10.16 11.78
N ARG B 250 11.79 10.06 11.63
CA ARG B 250 12.45 10.70 10.50
C ARG B 250 11.92 10.18 9.17
N LEU B 251 11.65 8.87 9.10
CA LEU B 251 11.13 8.20 7.92
C LEU B 251 9.61 8.34 7.80
N LYS B 252 8.88 8.27 8.90
CA LYS B 252 7.44 8.51 8.93
C LYS B 252 7.24 9.86 9.64
N ASN B 253 7.43 10.94 8.89
CA ASN B 253 7.50 12.28 9.46
C ASN B 253 6.23 13.09 9.28
N THR B 254 5.14 12.47 8.85
CA THR B 254 3.84 13.14 8.76
C THR B 254 2.96 12.64 9.89
N GLY B 255 2.36 13.58 10.63
CA GLY B 255 1.44 13.24 11.70
C GLY B 255 0.28 14.21 11.73
N LEU B 256 -0.73 13.84 12.51
CA LEU B 256 -1.94 14.65 12.62
C LEU B 256 -2.12 15.17 14.03
N LEU B 257 -2.50 16.43 14.14
CA LEU B 257 -2.83 17.09 15.40
C LEU B 257 -4.29 17.52 15.37
N LEU B 258 -5.01 17.27 16.45
CA LEU B 258 -6.43 17.57 16.56
C LEU B 258 -6.62 18.76 17.49
N LEU B 259 -7.41 19.73 17.04
CA LEU B 259 -7.85 20.84 17.87
C LEU B 259 -9.33 20.66 18.19
N SER B 260 -9.67 20.72 19.48
CA SER B 260 -11.03 20.52 19.94
C SER B 260 -11.39 21.61 20.94
N GLU B 261 -12.67 21.98 20.93
CA GLU B 261 -13.23 22.80 21.99
C GLU B 261 -13.49 21.93 23.20
N VAL B 262 -12.92 22.30 24.34
CA VAL B 262 -13.03 21.52 25.57
C VAL B 262 -13.72 22.37 26.62
N ALA B 263 -14.87 21.90 27.10
CA ALA B 263 -15.63 22.58 28.15
C ALA B 263 -15.05 22.16 29.50
N LEU B 264 -14.04 22.90 29.95
CA LEU B 264 -13.34 22.56 31.18
C LEU B 264 -14.15 22.90 32.42
N GLY B 265 -14.94 23.97 32.37
CA GLY B 265 -15.64 24.41 33.56
C GLY B 265 -14.65 24.74 34.67
N GLN B 266 -15.02 24.34 35.89
CA GLN B 266 -14.14 24.50 37.04
C GLN B 266 -13.14 23.36 37.08
N CYS B 267 -11.85 23.69 37.00
CA CYS B 267 -10.80 22.69 37.05
C CYS B 267 -10.38 22.41 38.49
N ASN B 268 -10.16 21.13 38.77
CA ASN B 268 -9.44 20.71 39.98
C ASN B 268 -7.96 20.62 39.61
N GLU B 269 -7.15 21.51 40.19
CA GLU B 269 -5.75 21.64 39.80
C GLU B 269 -4.88 20.74 40.67
N LEU B 270 -4.06 19.93 40.03
CA LEU B 270 -3.17 19.00 40.71
C LEU B 270 -1.73 19.26 40.31
N LEU B 271 -0.82 19.10 41.26
CA LEU B 271 0.61 19.23 40.98
C LEU B 271 1.27 17.91 40.65
N GLU B 272 0.68 16.79 41.07
CA GLU B 272 1.28 15.48 40.85
C GLU B 272 0.20 14.51 40.37
N ALA B 273 0.64 13.45 39.70
CA ALA B 273 -0.28 12.46 39.17
C ALA B 273 -1.09 11.82 40.30
N ASN B 274 -2.31 11.42 39.96
CA ASN B 274 -3.17 10.67 40.86
C ASN B 274 -4.20 9.93 40.00
N PRO B 275 -4.01 8.63 39.76
CA PRO B 275 -4.97 7.88 38.93
C PRO B 275 -6.41 7.97 39.42
N LYS B 276 -6.59 8.31 40.69
CA LYS B 276 -7.91 8.48 41.28
C LYS B 276 -8.40 9.93 41.22
N ALA B 277 -7.91 10.71 40.26
CA ALA B 277 -8.19 12.14 40.24
C ALA B 277 -9.68 12.43 39.99
N GLU B 278 -10.37 11.55 39.25
CA GLU B 278 -11.78 11.79 39.00
C GLU B 278 -12.61 11.73 40.27
N GLY B 279 -12.22 10.87 41.22
CA GLY B 279 -12.88 10.83 42.51
C GLY B 279 -12.70 12.08 43.35
N LEU B 280 -11.78 12.97 42.97
CA LEU B 280 -11.52 14.20 43.69
C LEU B 280 -12.35 15.37 43.19
N LEU B 281 -12.98 15.25 42.02
CA LEU B 281 -13.69 16.38 41.42
C LEU B 281 -14.73 16.95 42.40
N GLN B 282 -15.61 16.09 42.91
CA GLN B 282 -16.61 16.47 43.91
C GLN B 282 -17.40 17.69 43.46
N GLY B 283 -17.80 17.70 42.20
CA GLY B 283 -18.57 18.79 41.62
C GLY B 283 -17.82 19.61 40.59
N LYS B 284 -16.49 19.55 40.58
CA LYS B 284 -15.73 20.22 39.54
C LYS B 284 -15.85 19.42 38.24
N HIS B 285 -15.46 20.05 37.13
CA HIS B 285 -15.76 19.53 35.81
C HIS B 285 -14.56 18.97 35.07
N SER B 286 -13.34 19.18 35.56
CA SER B 286 -12.15 18.71 34.85
C SER B 286 -10.98 18.68 35.82
N THR B 287 -9.91 18.03 35.37
CA THR B 287 -8.65 17.97 36.11
C THR B 287 -7.57 18.68 35.30
N LYS B 288 -6.82 19.56 35.94
CA LYS B 288 -5.72 20.26 35.30
C LYS B 288 -4.43 19.94 36.03
N GLY B 289 -3.54 19.22 35.37
CA GLY B 289 -2.20 19.04 35.88
C GLY B 289 -1.34 20.25 35.56
N LEU B 290 -0.90 20.96 36.59
CA LEU B 290 -0.18 22.23 36.42
C LEU B 290 1.25 21.95 36.00
N GLY B 291 1.64 22.50 34.84
CA GLY B 291 2.99 22.37 34.34
C GLY B 291 3.85 23.58 34.69
N LYS B 292 5.15 23.42 34.48
CA LYS B 292 6.09 24.51 34.75
C LYS B 292 5.89 25.67 33.79
N MET B 293 5.71 25.39 32.51
CA MET B 293 5.60 26.43 31.51
C MET B 293 4.25 26.32 30.80
N ALA B 294 3.61 27.46 30.59
CA ALA B 294 2.27 27.49 30.01
C ALA B 294 2.03 28.86 29.40
N PRO B 295 1.18 28.96 28.39
CA PRO B 295 0.82 30.28 27.86
C PRO B 295 0.18 31.15 28.92
N SER B 296 0.37 32.46 28.78
CA SER B 296 -0.15 33.43 29.73
C SER B 296 -1.47 34.00 29.23
N SER B 297 -2.39 34.27 30.17
CA SER B 297 -3.73 34.72 29.80
C SER B 297 -3.69 36.05 29.05
N ALA B 298 -2.63 36.85 29.25
CA ALA B 298 -2.54 38.12 28.55
C ALA B 298 -2.44 37.95 27.04
N HIS B 299 -2.06 36.77 26.56
CA HIS B 299 -1.92 36.51 25.13
C HIS B 299 -3.10 35.75 24.55
N PHE B 300 -4.13 35.45 25.33
CA PHE B 300 -5.25 34.69 24.83
C PHE B 300 -6.09 35.49 23.85
N VAL B 301 -6.68 34.78 22.88
CA VAL B 301 -7.69 35.31 21.99
C VAL B 301 -8.80 34.26 21.89
N THR B 302 -9.97 34.69 21.43
CA THR B 302 -11.09 33.80 21.24
C THR B 302 -11.36 33.56 19.76
N LEU B 303 -11.64 32.30 19.43
CA LEU B 303 -11.94 31.86 18.07
C LEU B 303 -13.29 31.14 18.12
N ASN B 304 -14.34 31.85 17.70
CA ASN B 304 -15.69 31.28 17.61
C ASN B 304 -16.16 30.70 18.95
N GLY B 305 -15.91 31.46 20.02
CA GLY B 305 -16.43 31.10 21.33
C GLY B 305 -15.48 30.32 22.22
N SER B 306 -14.28 29.99 21.75
CA SER B 306 -13.32 29.21 22.52
C SER B 306 -12.03 30.00 22.69
N THR B 307 -11.48 29.94 23.90
CA THR B 307 -10.22 30.62 24.20
C THR B 307 -9.07 29.85 23.57
N VAL B 308 -8.31 30.54 22.71
CA VAL B 308 -7.08 29.99 22.14
C VAL B 308 -5.92 30.47 23.02
N PRO B 309 -5.28 29.58 23.78
CA PRO B 309 -4.13 30.00 24.62
C PRO B 309 -2.85 30.18 23.83
N LEU B 310 -2.78 31.29 23.11
CA LEU B 310 -1.63 31.56 22.25
C LEU B 310 -0.37 31.74 23.08
N GLY B 311 0.77 31.45 22.47
CA GLY B 311 2.06 31.69 23.07
C GLY B 311 2.52 33.10 22.83
N PRO B 312 3.78 33.41 23.20
CA PRO B 312 4.77 32.50 23.78
C PRO B 312 4.46 32.15 25.22
N ALA B 313 4.89 30.96 25.59
CA ALA B 313 4.68 30.47 26.98
C ALA B 313 5.82 30.94 27.89
N SER B 314 5.47 31.44 29.06
CA SER B 314 6.45 31.85 30.09
C SER B 314 6.70 30.67 31.03
N ASP B 315 7.90 30.58 31.60
CA ASP B 315 8.28 29.39 32.40
C ASP B 315 8.24 29.68 33.89
N THR B 316 7.11 29.38 34.54
CA THR B 316 7.02 29.53 36.00
C THR B 316 7.71 28.34 36.62
N GLY B 317 9.04 28.32 36.55
CA GLY B 317 9.79 27.15 37.03
C GLY B 317 11.28 27.36 36.84
N ILE B 318 11.69 28.08 35.79
CA ILE B 318 13.15 28.41 35.66
C ILE B 318 13.55 29.27 36.86
N LEU B 319 12.59 29.85 37.57
CA LEU B 319 12.88 30.61 38.81
C LEU B 319 12.24 29.87 39.99
N ASN B 320 10.98 29.45 39.86
CA ASN B 320 10.27 28.81 41.00
C ASN B 320 9.95 27.35 40.68
N PRO B 321 10.93 26.43 40.65
CA PRO B 321 10.63 25.08 40.22
C PRO B 321 9.69 24.36 41.17
N ASP B 322 10.12 24.10 42.41
CA ASP B 322 9.33 23.29 43.37
C ASP B 322 9.16 21.87 42.83
N GLY B 323 8.26 21.10 43.43
CA GLY B 323 8.00 19.72 42.96
C GLY B 323 7.18 19.69 41.69
N TYR B 324 7.18 20.79 40.91
CA TYR B 324 6.48 20.76 39.60
C TYR B 324 6.93 19.50 38.87
N THR B 325 6.03 18.54 38.73
CA THR B 325 6.39 17.28 38.08
C THR B 325 6.14 17.41 36.60
N LEU B 326 5.14 18.20 36.22
CA LEU B 326 4.85 18.35 34.80
C LEU B 326 5.59 19.57 34.27
N ASN B 327 6.28 19.39 33.14
CA ASN B 327 6.85 20.55 32.45
C ASN B 327 5.77 21.39 31.79
N TYR B 328 4.65 20.77 31.41
CA TYR B 328 3.59 21.46 30.70
C TYR B 328 2.24 21.02 31.23
N ASN B 329 1.24 21.87 31.04
CA ASN B 329 -0.09 21.62 31.54
C ASN B 329 -0.68 20.36 30.89
N GLU B 330 -1.60 19.72 31.61
CA GLU B 330 -2.44 18.67 31.07
C GLU B 330 -3.88 18.94 31.50
N TYR B 331 -4.81 18.78 30.56
CA TYR B 331 -6.23 18.99 30.81
C TYR B 331 -6.96 17.68 30.58
N ILE B 332 -7.79 17.28 31.54
CA ILE B 332 -8.51 16.01 31.48
C ILE B 332 -9.98 16.26 31.76
N VAL B 333 -10.84 15.84 30.83
CA VAL B 333 -12.27 15.75 31.06
C VAL B 333 -12.67 14.29 31.02
N TYR B 334 -13.76 13.96 31.71
CA TYR B 334 -14.14 12.56 31.93
C TYR B 334 -15.44 12.20 31.22
N ASN B 335 -15.91 13.05 30.31
CA ASN B 335 -17.12 12.81 29.55
C ASN B 335 -16.87 13.38 28.15
N PRO B 336 -17.11 12.61 27.10
CA PRO B 336 -16.93 13.16 25.75
C PRO B 336 -17.88 14.28 25.39
N ASN B 337 -18.96 14.48 26.16
CA ASN B 337 -19.84 15.61 25.86
C ASN B 337 -19.23 16.96 26.24
N GLN B 338 -18.03 16.97 26.81
CA GLN B 338 -17.26 18.19 27.02
C GLN B 338 -16.25 18.42 25.91
N VAL B 339 -16.35 17.69 24.80
CA VAL B 339 -15.40 17.75 23.71
C VAL B 339 -16.14 17.95 22.40
N ARG B 340 -15.70 18.93 21.61
CA ARG B 340 -16.16 19.11 20.24
C ARG B 340 -14.93 19.27 19.35
N MET B 341 -14.67 18.27 18.51
CA MET B 341 -13.55 18.35 17.59
C MET B 341 -13.79 19.46 16.55
N ARG B 342 -12.72 20.17 16.21
CA ARG B 342 -12.93 21.32 15.34
C ARG B 342 -11.94 21.41 14.18
N TYR B 343 -10.68 21.08 14.40
CA TYR B 343 -9.68 21.20 13.35
C TYR B 343 -8.73 20.01 13.39
N LEU B 344 -8.30 19.58 12.20
CA LEU B 344 -7.32 18.51 12.03
C LEU B 344 -6.16 19.05 11.21
N LEU B 345 -4.97 19.06 11.81
CA LEU B 345 -3.77 19.56 11.15
C LEU B 345 -2.95 18.40 10.63
N LYS B 346 -2.62 18.44 9.34
CA LYS B 346 -1.62 17.52 8.80
C LYS B 346 -0.26 18.18 8.91
N VAL B 347 0.62 17.60 9.72
CA VAL B 347 1.86 18.23 10.14
C VAL B 347 3.04 17.44 9.59
N GLN B 348 4.02 18.16 9.07
CA GLN B 348 5.30 17.58 8.66
C GLN B 348 6.34 17.88 9.72
N PHE B 349 7.01 16.83 10.21
CA PHE B 349 7.99 16.95 11.29
C PHE B 349 9.38 17.08 10.69
N ASN B 350 10.00 18.25 10.85
CA ASN B 350 11.36 18.48 10.37
C ASN B 350 12.33 18.27 11.54
N PHE B 351 13.05 17.16 11.50
CA PHE B 351 13.93 16.77 12.61
C PHE B 351 15.29 17.48 12.55
C1 GOL C . 1.11 -4.88 -27.46
O1 GOL C . 1.83 -3.75 -26.92
C2 GOL C . 1.84 -5.26 -28.72
O2 GOL C . 1.49 -4.31 -29.77
C3 GOL C . 3.33 -5.23 -28.52
O3 GOL C . 3.72 -6.50 -27.95
C10 A1D9M D . 6.46 -5.08 -26.06
C13 A1D9M D . 7.45 -7.19 -25.00
C15 A1D9M D . 6.78 -8.09 -27.23
C17 A1D9M D . 7.90 -10.57 -26.19
C20 A1D9M D . 8.35 -11.56 -23.93
C21 A1D9M D . 7.73 -10.54 -28.65
C22 A1D9M D . 8.47 -11.83 -28.93
C01 A1D9M D . 4.77 -4.67 -19.49
C02 A1D9M D . 4.43 -4.34 -20.75
C03 A1D9M D . 3.60 -6.54 -21.29
C04 A1D9M D . 4.52 -6.04 -19.05
C05 A1D9M D . 5.38 -3.76 -18.46
C06 A1D9M D . 5.65 -2.33 -18.93
C07 A1D9M D . 4.56 -4.93 -24.07
C08 A1D9M D . 4.59 -3.98 -25.09
C09 A1D9M D . 5.54 -4.05 -26.09
C11 A1D9M D . 6.46 -6.07 -25.07
C12 A1D9M D . 5.49 -5.96 -24.07
C14 A1D9M D . 3.50 -4.81 -23.00
C16 A1D9M D . 6.07 -9.42 -27.32
C18 A1D9M D . 8.55 -9.20 -25.99
C19 A1D9M D . 7.28 -11.08 -24.87
F01 A1D9M D . 7.38 -5.14 -27.05
N01 A1D9M D . 3.87 -5.23 -21.64
N02 A1D9M D . 3.95 -6.88 -20.00
N03 A1D9M D . 7.60 -8.10 -26.01
N04 A1D9M D . 7.00 -10.54 -27.37
O01 A1D9M D . 4.78 -6.47 -17.94
O02 A1D9M D . 3.10 -7.34 -22.06
O03 A1D9M D . 8.16 -7.25 -24.00
O04 A1D9M D . 8.98 -12.70 -24.52
C10 A1D9M E . -4.91 9.16 28.55
C13 A1D9M E . -6.46 9.70 26.58
C15 A1D9M E . -6.71 7.22 26.70
C17 A1D9M E . -8.48 7.65 24.45
C20 A1D9M E . -8.75 9.38 22.67
C21 A1D9M E . -8.89 5.51 25.60
C22 A1D9M E . -10.03 4.89 24.79
C01 A1D9M E . -1.85 14.23 25.31
C02 A1D9M E . -1.68 13.13 26.08
C03 A1D9M E . -2.00 11.61 24.25
C04 A1D9M E . -2.13 14.05 23.90
C05 A1D9M E . -1.78 15.65 25.82
C06 A1D9M E . -1.71 15.79 27.33
C07 A1D9M E . -2.75 10.15 27.17
C08 A1D9M E . -2.59 9.64 28.47
C09 A1D9M E . -3.68 9.15 29.16
C11 A1D9M E . -5.11 9.65 27.26
C12 A1D9M E . -4.01 10.16 26.58
C14 A1D9M E . -1.53 10.69 26.45
C16 A1D9M E . -6.66 6.37 25.44
C18 A1D9M E . -8.47 8.53 25.71
C19 A1D9M E . -7.80 8.38 23.29
F01 A1D9M E . -5.97 8.67 29.23
N01 A1D9M E . -1.74 11.85 25.58
N02 A1D9M E . -2.19 12.73 23.48
N03 A1D9M E . -7.17 8.56 26.35
N04 A1D9M E . -7.96 6.30 24.79
O01 A1D9M E . -2.31 14.96 23.10
O02 A1D9M E . -2.07 10.48 23.78
O03 A1D9M E . -6.90 10.80 26.25
O04 A1D9M E . -9.79 8.66 22.02
#